data_5M56
#
_entry.id   5M56
#
_cell.length_a   69.341
_cell.length_b   87.620
_cell.length_c   72.977
_cell.angle_alpha   90.00
_cell.angle_beta   109.69
_cell.angle_gamma   90.00
#
_symmetry.space_group_name_H-M   'P 1 21 1'
#
loop_
_entity.id
_entity.type
_entity.pdbx_description
1 polymer "Casein kinase II subunit alpha'"
2 non-polymer '4-[6,8-bis(chloranyl)-3-oxidanyl-4-oxidanylidene-chromen-2-yl]benzoic acid'
3 non-polymer GLYCEROL
4 non-polymer 'CHLORIDE ION'
5 water water
#
_entity_poly.entity_id   1
_entity_poly.type   'polypeptide(L)'
_entity_poly.pdbx_seq_one_letter_code
;MGSSHHHHHHSQDPMPGPAAGSRARVYAEVNSLRSREYWDYEAHVPSWGNQDGYQLVRKLGRGKYSEVFEAINITNNERV
VVKILKPVKKKKIKREVKILENLRGGTNIIKLIDTVKDPVSKTPALVFEYINNTDFKQLYQILTDFDIRFYMYELLKALD
YCHSKGIMHRDVKPHNVMIDHQQKKLRLIDWGLAEFYHPAQEYNVRVASRYFKGPELLVDYQMYDYSLDMWSLGCMLASM
IFRREPFFHGQDNYDQLVRIAKVLGTEELYGYLKKYHIDLDPHFNDILGQHSRKRWENFIHSENRHLVSPEALDLLDKLL
RYDHQQRLTAKEAMEHPYFYPVVKEQSQPSADNAVLSSGLTAAR
;
_entity_poly.pdbx_strand_id   A,B
#
# COMPACT_ATOMS: atom_id res chain seq x y z
N PRO A 16 6.50 37.58 30.62
CA PRO A 16 5.70 36.51 31.23
C PRO A 16 4.20 36.72 31.03
N GLY A 17 3.55 35.76 30.40
CA GLY A 17 2.14 35.85 30.11
C GLY A 17 1.26 35.47 31.28
N PRO A 18 -0.04 35.40 31.06
CA PRO A 18 -0.98 35.01 32.12
C PRO A 18 -0.61 33.66 32.72
N ALA A 19 -0.52 33.63 34.05
CA ALA A 19 -0.24 32.39 34.77
C ALA A 19 -1.32 31.34 34.56
N ALA A 20 -2.49 31.71 34.04
CA ALA A 20 -3.56 30.76 33.83
C ALA A 20 -3.41 29.94 32.55
N GLY A 21 -2.54 30.35 31.64
CA GLY A 21 -2.30 29.62 30.41
C GLY A 21 -2.92 30.29 29.20
N SER A 22 -2.63 29.69 28.05
CA SER A 22 -3.10 30.21 26.77
C SER A 22 -4.59 29.98 26.57
N ARG A 23 -5.19 30.82 25.72
CA ARG A 23 -6.56 30.65 25.25
C ARG A 23 -6.59 30.90 23.76
N ALA A 24 -7.50 30.21 23.06
CA ALA A 24 -7.61 30.37 21.62
C ALA A 24 -8.10 31.77 21.27
N ARG A 25 -7.49 32.37 20.25
CA ARG A 25 -7.89 33.72 19.84
C ARG A 25 -9.23 33.75 19.13
N VAL A 26 -9.67 32.62 18.56
CA VAL A 26 -10.96 32.54 17.88
C VAL A 26 -11.65 31.24 18.26
N TYR A 27 -12.98 31.24 18.15
CA TYR A 27 -13.80 30.04 18.33
C TYR A 27 -13.62 29.42 19.71
N ALA A 28 -13.25 30.23 20.69
CA ALA A 28 -12.97 29.70 22.03
C ALA A 28 -14.24 29.25 22.73
N GLU A 29 -15.36 29.92 22.49
CA GLU A 29 -16.60 29.67 23.22
C GLU A 29 -17.55 28.74 22.46
N VAL A 30 -17.10 28.13 21.36
CA VAL A 30 -18.00 27.41 20.47
C VAL A 30 -18.70 26.28 21.21
N ASN A 31 -17.93 25.45 21.92
CA ASN A 31 -18.51 24.25 22.54
C ASN A 31 -19.37 24.61 23.74
N SER A 32 -19.07 25.70 24.45
CA SER A 32 -19.90 26.11 25.56
C SER A 32 -21.26 26.65 25.10
N LEU A 33 -21.37 27.09 23.84
CA LEU A 33 -22.64 27.55 23.30
C LEU A 33 -23.52 26.42 22.80
N ARG A 34 -23.02 25.19 22.78
CA ARG A 34 -23.79 24.03 22.34
C ARG A 34 -24.07 23.12 23.53
N SER A 35 -25.05 22.25 23.35
CA SER A 35 -25.44 21.33 24.41
C SER A 35 -24.32 20.34 24.72
N ARG A 36 -24.38 19.77 25.93
CA ARG A 36 -23.37 18.81 26.35
C ARG A 36 -23.26 17.63 25.40
N GLU A 37 -24.38 17.21 24.81
CA GLU A 37 -24.36 16.09 23.88
C GLU A 37 -23.45 16.36 22.68
N TYR A 38 -23.25 17.63 22.32
CA TYR A 38 -22.43 17.95 21.16
C TYR A 38 -20.99 17.49 21.34
N TRP A 39 -20.41 17.69 22.52
CA TRP A 39 -19.00 17.42 22.73
C TRP A 39 -18.72 16.26 23.67
N ASP A 40 -19.71 15.81 24.44
CA ASP A 40 -19.53 14.67 25.34
C ASP A 40 -19.65 13.40 24.52
N TYR A 41 -18.53 13.04 23.86
CA TYR A 41 -18.54 11.93 22.92
C TYR A 41 -18.66 10.58 23.62
N GLU A 42 -18.29 10.49 24.90
CA GLU A 42 -18.45 9.24 25.63
C GLU A 42 -19.90 8.81 25.74
N ALA A 43 -20.84 9.75 25.66
CA ALA A 43 -22.27 9.46 25.74
C ALA A 43 -22.89 9.19 24.38
N HIS A 44 -22.13 9.36 23.30
CA HIS A 44 -22.66 9.13 21.96
C HIS A 44 -22.93 7.64 21.74
N VAL A 45 -24.05 7.34 21.09
CA VAL A 45 -24.46 5.97 20.81
C VAL A 45 -24.50 5.79 19.30
N PRO A 46 -23.46 5.21 18.71
CA PRO A 46 -23.45 4.97 17.26
C PRO A 46 -24.42 3.87 16.87
N SER A 47 -24.85 3.91 15.60
CA SER A 47 -25.68 2.87 15.02
C SER A 47 -24.77 1.97 14.19
N TRP A 48 -24.41 0.82 14.76
CA TRP A 48 -23.48 -0.10 14.10
C TRP A 48 -24.27 -1.02 13.19
N GLY A 49 -24.12 -0.83 11.87
CA GLY A 49 -24.75 -1.68 10.88
C GLY A 49 -23.90 -2.90 10.55
N ASN A 50 -24.35 -3.62 9.53
CA ASN A 50 -23.73 -4.87 9.13
C ASN A 50 -22.72 -4.60 8.02
N GLN A 51 -21.44 -4.88 8.29
CA GLN A 51 -20.39 -4.64 7.31
C GLN A 51 -20.52 -5.55 6.08
N ASP A 52 -21.24 -6.66 6.19
CA ASP A 52 -21.46 -7.53 5.03
C ASP A 52 -22.20 -6.83 3.90
N GLY A 53 -22.83 -5.68 4.16
CA GLY A 53 -23.37 -4.87 3.09
C GLY A 53 -22.33 -4.27 2.16
N TYR A 54 -21.04 -4.39 2.51
CA TYR A 54 -19.96 -3.86 1.70
C TYR A 54 -18.98 -4.97 1.35
N GLN A 55 -18.58 -5.01 0.08
CA GLN A 55 -17.61 -5.98 -0.41
C GLN A 55 -16.24 -5.29 -0.51
N LEU A 56 -15.31 -5.72 0.32
CA LEU A 56 -13.96 -5.17 0.24
C LEU A 56 -13.31 -5.61 -1.07
N VAL A 57 -12.66 -4.67 -1.75
CA VAL A 57 -12.06 -4.92 -3.07
C VAL A 57 -10.54 -4.89 -3.00
N ARG A 58 -9.96 -3.86 -2.41
CA ARG A 58 -8.51 -3.75 -2.41
C ARG A 58 -8.06 -2.81 -1.29
N LYS A 59 -6.94 -3.16 -0.68
CA LYS A 59 -6.37 -2.37 0.40
C LYS A 59 -5.77 -1.08 -0.18
N LEU A 60 -6.05 0.04 0.47
CA LEU A 60 -5.50 1.32 0.01
C LEU A 60 -4.30 1.80 0.83
N GLY A 61 -4.12 1.30 2.05
CA GLY A 61 -2.94 1.66 2.81
C GLY A 61 -3.14 1.89 4.30
N ARG A 62 -2.58 3.00 4.80
CA ARG A 62 -2.59 3.40 6.20
C ARG A 62 -1.68 2.53 7.05
N GLY A 63 -1.75 2.69 8.37
CA GLY A 63 -0.77 2.05 9.24
C GLY A 63 -1.28 1.47 10.55
N LYS A 64 -0.84 2.07 11.67
CA LYS A 64 -0.95 1.40 12.97
C LYS A 64 -2.30 1.57 13.64
N TYR A 65 -3.10 2.55 13.24
CA TYR A 65 -4.42 2.72 13.85
C TYR A 65 -5.55 2.07 13.08
N SER A 66 -5.35 1.79 11.79
CA SER A 66 -6.42 1.20 10.99
C SER A 66 -5.84 0.68 9.68
N GLU A 67 -6.71 0.02 8.91
CA GLU A 67 -6.43 -0.42 7.56
C GLU A 67 -7.62 0.00 6.70
N VAL A 68 -7.32 0.58 5.54
CA VAL A 68 -8.33 1.20 4.69
C VAL A 68 -8.47 0.43 3.39
N PHE A 69 -9.71 0.10 3.04
CA PHE A 69 -10.04 -0.71 1.87
C PHE A 69 -10.99 0.05 0.95
N GLU A 70 -10.72 -0.01 -0.34
CA GLU A 70 -11.74 0.31 -1.32
C GLU A 70 -12.83 -0.76 -1.30
N ALA A 71 -14.08 -0.34 -1.39
CA ALA A 71 -15.18 -1.29 -1.22
C ALA A 71 -16.34 -0.89 -2.10
N ILE A 72 -17.26 -1.85 -2.27
CA ILE A 72 -18.48 -1.67 -3.05
C ILE A 72 -19.67 -1.91 -2.14
N ASN A 73 -20.58 -0.95 -2.09
CA ASN A 73 -21.88 -1.16 -1.45
C ASN A 73 -22.66 -2.18 -2.27
N ILE A 74 -22.86 -3.38 -1.71
CA ILE A 74 -23.42 -4.48 -2.49
C ILE A 74 -24.82 -4.17 -2.97
N THR A 75 -25.58 -3.37 -2.22
CA THR A 75 -26.97 -3.11 -2.59
C THR A 75 -27.06 -2.18 -3.80
N ASN A 76 -26.32 -1.07 -3.79
CA ASN A 76 -26.42 -0.07 -4.85
C ASN A 76 -25.15 0.06 -5.69
N ASN A 77 -24.15 -0.78 -5.45
CA ASN A 77 -22.91 -0.81 -6.23
C ASN A 77 -22.13 0.50 -6.19
N GLU A 78 -22.36 1.34 -5.18
CA GLU A 78 -21.60 2.59 -5.09
C GLU A 78 -20.23 2.32 -4.48
N ARG A 79 -19.22 2.98 -5.04
CA ARG A 79 -17.85 2.83 -4.57
C ARG A 79 -17.66 3.64 -3.29
N VAL A 80 -17.16 2.98 -2.24
CA VAL A 80 -16.91 3.63 -0.97
C VAL A 80 -15.52 3.22 -0.48
N VAL A 81 -15.20 3.67 0.72
CA VAL A 81 -13.95 3.33 1.39
C VAL A 81 -14.31 2.88 2.80
N VAL A 82 -13.75 1.75 3.23
CA VAL A 82 -14.01 1.19 4.54
C VAL A 82 -12.72 1.27 5.35
N LYS A 83 -12.81 1.87 6.54
CA LYS A 83 -11.68 1.99 7.45
C LYS A 83 -11.95 1.07 8.63
N ILE A 84 -11.19 -0.02 8.71
CA ILE A 84 -11.35 -0.99 9.78
C ILE A 84 -10.54 -0.50 10.98
N LEU A 85 -11.21 -0.36 12.13
CA LEU A 85 -10.59 0.23 13.31
C LEU A 85 -9.86 -0.85 14.09
N LYS A 86 -8.52 -0.79 14.10
CA LYS A 86 -7.73 -1.69 14.89
C LYS A 86 -8.03 -1.48 16.37
N PRO A 87 -7.78 -2.51 17.21
CA PRO A 87 -8.21 -2.43 18.62
C PRO A 87 -7.69 -1.22 19.36
N VAL A 88 -8.54 -0.20 19.48
CA VAL A 88 -8.31 0.96 20.32
C VAL A 88 -9.40 1.01 21.38
N LYS A 89 -9.24 1.91 22.33
CA LYS A 89 -10.27 2.12 23.34
C LYS A 89 -11.58 2.54 22.67
N LYS A 90 -12.68 1.99 23.18
CA LYS A 90 -14.00 2.37 22.68
C LYS A 90 -14.22 3.88 22.77
N LYS A 91 -13.64 4.52 23.79
CA LYS A 91 -13.76 5.96 23.94
C LYS A 91 -13.23 6.69 22.72
N LYS A 92 -12.06 6.27 22.22
CA LYS A 92 -11.49 6.91 21.04
C LYS A 92 -12.36 6.71 19.81
N ILE A 93 -13.01 5.55 19.70
CA ILE A 93 -13.90 5.31 18.57
C ILE A 93 -15.11 6.24 18.63
N LYS A 94 -15.71 6.39 19.82
CA LYS A 94 -16.83 7.30 19.97
C LYS A 94 -16.43 8.73 19.63
N ARG A 95 -15.22 9.14 20.01
CA ARG A 95 -14.75 10.50 19.71
C ARG A 95 -14.67 10.74 18.21
N GLU A 96 -14.09 9.80 17.47
CA GLU A 96 -13.96 9.97 16.03
C GLU A 96 -15.32 9.98 15.35
N VAL A 97 -16.22 9.08 15.76
CA VAL A 97 -17.55 9.03 15.15
C VAL A 97 -18.32 10.32 15.43
N LYS A 98 -18.32 10.76 16.70
CA LYS A 98 -19.06 11.96 17.07
C LYS A 98 -18.53 13.18 16.32
N ILE A 99 -17.21 13.29 16.20
CA ILE A 99 -16.62 14.43 15.50
C ILE A 99 -16.98 14.38 14.01
N LEU A 100 -16.94 13.20 13.40
CA LEU A 100 -17.34 13.07 12.00
C LEU A 100 -18.81 13.40 11.81
N GLU A 101 -19.65 13.06 12.79
CA GLU A 101 -21.07 13.39 12.70
C GLU A 101 -21.28 14.90 12.84
N ASN A 102 -20.56 15.54 13.77
CA ASN A 102 -20.66 16.99 13.94
C ASN A 102 -20.18 17.73 12.69
N LEU A 103 -19.22 17.16 11.97
CA LEU A 103 -18.60 17.81 10.82
C LEU A 103 -19.26 17.44 9.50
N ARG A 104 -20.22 16.53 9.49
CA ARG A 104 -20.81 16.08 8.23
C ARG A 104 -21.41 17.26 7.49
N GLY A 105 -21.24 17.26 6.16
CA GLY A 105 -21.63 18.39 5.37
C GLY A 105 -20.66 19.56 5.41
N GLY A 106 -19.58 19.45 6.16
CA GLY A 106 -18.63 20.53 6.24
C GLY A 106 -17.79 20.69 4.99
N THR A 107 -17.27 21.90 4.81
CA THR A 107 -16.52 22.23 3.62
C THR A 107 -15.23 21.42 3.55
N ASN A 108 -15.14 20.56 2.54
CA ASN A 108 -13.95 19.75 2.26
C ASN A 108 -13.61 18.79 3.40
N ILE A 109 -14.60 18.44 4.21
CA ILE A 109 -14.45 17.38 5.21
C ILE A 109 -14.86 16.07 4.57
N ILE A 110 -14.11 15.00 4.84
CA ILE A 110 -14.49 13.69 4.34
C ILE A 110 -15.87 13.32 4.88
N LYS A 111 -16.72 12.79 4.01
CA LYS A 111 -18.09 12.46 4.37
C LYS A 111 -18.13 11.06 4.95
N LEU A 112 -18.53 10.94 6.22
CA LEU A 112 -18.78 9.64 6.82
C LEU A 112 -20.11 9.11 6.32
N ILE A 113 -20.08 7.96 5.67
CA ILE A 113 -21.28 7.39 5.06
C ILE A 113 -21.99 6.44 6.01
N ASP A 114 -21.25 5.66 6.79
CA ASP A 114 -21.85 4.59 7.56
C ASP A 114 -20.92 4.21 8.70
N THR A 115 -21.50 3.57 9.71
CA THR A 115 -20.75 2.98 10.82
C THR A 115 -21.21 1.54 10.96
N VAL A 116 -20.30 0.59 10.71
CA VAL A 116 -20.65 -0.81 10.61
C VAL A 116 -19.69 -1.63 11.44
N LYS A 117 -20.09 -2.89 11.70
CA LYS A 117 -19.26 -3.86 12.37
C LYS A 117 -19.27 -5.15 11.55
N ASP A 118 -18.14 -5.85 11.59
CA ASP A 118 -18.10 -7.18 10.99
C ASP A 118 -19.01 -8.10 11.77
N PRO A 119 -19.90 -8.85 11.12
CA PRO A 119 -20.85 -9.71 11.87
C PRO A 119 -20.17 -10.80 12.67
N VAL A 120 -19.00 -11.27 12.23
CA VAL A 120 -18.29 -12.34 12.92
C VAL A 120 -17.42 -11.77 14.02
N SER A 121 -16.44 -10.95 13.64
CA SER A 121 -15.45 -10.45 14.59
C SER A 121 -15.98 -9.31 15.46
N LYS A 122 -17.05 -8.64 15.04
CA LYS A 122 -17.61 -7.48 15.74
C LYS A 122 -16.64 -6.30 15.77
N THR A 123 -15.63 -6.32 14.91
CA THR A 123 -14.71 -5.19 14.82
C THR A 123 -15.42 -4.02 14.14
N PRO A 124 -15.42 -2.83 14.73
CA PRO A 124 -16.10 -1.70 14.11
C PRO A 124 -15.33 -1.14 12.94
N ALA A 125 -16.06 -0.50 12.03
CA ALA A 125 -15.46 0.09 10.85
C ALA A 125 -16.26 1.33 10.44
N LEU A 126 -15.57 2.27 9.81
CA LEU A 126 -16.18 3.48 9.30
C LEU A 126 -16.17 3.44 7.77
N VAL A 127 -17.25 3.92 7.16
CA VAL A 127 -17.40 3.95 5.72
C VAL A 127 -17.39 5.40 5.26
N PHE A 128 -16.50 5.71 4.32
CA PHE A 128 -16.32 7.06 3.82
C PHE A 128 -16.60 7.11 2.32
N GLU A 129 -16.87 8.30 1.83
CA GLU A 129 -16.98 8.53 0.39
C GLU A 129 -15.66 8.21 -0.30
N TYR A 130 -15.75 7.80 -1.57
CA TYR A 130 -14.57 7.56 -2.37
C TYR A 130 -14.17 8.84 -3.09
N ILE A 131 -12.87 9.13 -3.08
CA ILE A 131 -12.31 10.25 -3.84
C ILE A 131 -11.09 9.75 -4.59
N ASN A 132 -11.01 10.07 -5.87
CA ASN A 132 -9.95 9.56 -6.75
C ASN A 132 -8.66 10.33 -6.43
N ASN A 133 -7.98 9.87 -5.38
CA ASN A 133 -6.87 10.60 -4.81
C ASN A 133 -5.59 10.37 -5.59
N THR A 134 -4.78 11.42 -5.68
CA THR A 134 -3.41 11.33 -6.19
C THR A 134 -2.45 11.38 -5.00
N ASP A 135 -1.55 10.40 -4.93
CA ASP A 135 -0.52 10.40 -3.90
C ASP A 135 0.21 11.74 -3.86
N PHE A 136 0.32 12.31 -2.66
CA PHE A 136 0.91 13.63 -2.54
C PHE A 136 2.37 13.64 -2.98
N LYS A 137 3.07 12.51 -2.82
CA LYS A 137 4.44 12.41 -3.30
C LYS A 137 4.52 12.66 -4.80
N GLN A 138 3.52 12.21 -5.54
CA GLN A 138 3.45 12.43 -6.98
C GLN A 138 2.79 13.76 -7.31
N LEU A 139 1.77 14.15 -6.54
CA LEU A 139 1.05 15.38 -6.82
C LEU A 139 1.94 16.61 -6.61
N TYR A 140 2.73 16.61 -5.54
CA TYR A 140 3.55 17.78 -5.22
C TYR A 140 4.62 18.05 -6.26
N GLN A 141 4.94 17.07 -7.11
CA GLN A 141 5.96 17.27 -8.14
C GLN A 141 5.42 18.05 -9.33
N ILE A 142 4.10 18.09 -9.52
CA ILE A 142 3.50 18.71 -10.70
C ILE A 142 2.61 19.89 -10.35
N LEU A 143 2.51 20.27 -9.08
CA LEU A 143 1.67 21.40 -8.71
C LEU A 143 2.27 22.69 -9.24
N THR A 144 1.41 23.53 -9.82
CA THR A 144 1.80 24.87 -10.23
C THR A 144 1.64 25.84 -9.07
N ASP A 145 2.11 27.07 -9.29
CA ASP A 145 1.94 28.12 -8.29
C ASP A 145 0.46 28.30 -7.92
N PHE A 146 -0.40 28.36 -8.94
CA PHE A 146 -1.83 28.51 -8.68
C PHE A 146 -2.41 27.27 -8.02
N ASP A 147 -1.96 26.07 -8.42
CA ASP A 147 -2.45 24.85 -7.80
C ASP A 147 -2.20 24.85 -6.30
N ILE A 148 -1.00 25.29 -5.88
CA ILE A 148 -0.65 25.31 -4.47
C ILE A 148 -1.56 26.27 -3.71
N ARG A 149 -1.79 27.47 -4.27
CA ARG A 149 -2.71 28.42 -3.64
C ARG A 149 -4.12 27.85 -3.56
N PHE A 150 -4.57 27.20 -4.64
CA PHE A 150 -5.92 26.63 -4.67
C PHE A 150 -6.10 25.58 -3.60
N TYR A 151 -5.18 24.61 -3.53
CA TYR A 151 -5.34 23.50 -2.61
C TYR A 151 -5.10 23.93 -1.16
N MET A 152 -4.15 24.84 -0.93
CA MET A 152 -4.02 25.41 0.40
C MET A 152 -5.27 26.17 0.82
N TYR A 153 -5.89 26.88 -0.12
CA TYR A 153 -7.12 27.60 0.19
C TYR A 153 -8.25 26.64 0.55
N GLU A 154 -8.38 25.55 -0.22
CA GLU A 154 -9.41 24.56 0.07
C GLU A 154 -9.15 23.86 1.40
N LEU A 155 -7.88 23.62 1.72
CA LEU A 155 -7.55 23.02 3.01
C LEU A 155 -7.87 23.97 4.17
N LEU A 156 -7.64 25.27 3.96
CA LEU A 156 -7.97 26.26 4.98
C LEU A 156 -9.48 26.33 5.22
N LYS A 157 -10.28 26.13 4.18
CA LYS A 157 -11.74 26.05 4.38
C LYS A 157 -12.09 24.91 5.32
N ALA A 158 -11.46 23.75 5.14
CA ALA A 158 -11.72 22.62 6.02
C ALA A 158 -11.30 22.92 7.45
N LEU A 159 -10.15 23.57 7.63
CA LEU A 159 -9.67 23.86 8.97
C LEU A 159 -10.52 24.93 9.65
N ASP A 160 -10.85 26.01 8.92
CA ASP A 160 -11.73 27.02 9.49
C ASP A 160 -13.09 26.44 9.86
N TYR A 161 -13.58 25.48 9.07
CA TYR A 161 -14.87 24.89 9.37
C TYR A 161 -14.83 24.10 10.66
N CYS A 162 -13.89 23.16 10.79
CA CYS A 162 -13.84 22.31 11.98
C CYS A 162 -13.47 23.13 13.21
N HIS A 163 -12.60 24.11 13.05
CA HIS A 163 -12.30 25.02 14.16
C HIS A 163 -13.54 25.77 14.60
N SER A 164 -14.33 26.27 13.65
CA SER A 164 -15.58 26.96 13.98
C SER A 164 -16.57 26.04 14.65
N LYS A 165 -16.46 24.73 14.44
CA LYS A 165 -17.26 23.75 15.15
C LYS A 165 -16.60 23.27 16.43
N GLY A 166 -15.57 23.98 16.90
CA GLY A 166 -14.93 23.66 18.16
C GLY A 166 -14.07 22.41 18.16
N ILE A 167 -13.43 22.10 17.04
CA ILE A 167 -12.69 20.85 16.89
C ILE A 167 -11.30 21.14 16.36
N MET A 168 -10.28 20.58 17.01
CA MET A 168 -8.91 20.56 16.51
C MET A 168 -8.67 19.24 15.79
N HIS A 169 -8.10 19.31 14.58
CA HIS A 169 -7.81 18.08 13.85
C HIS A 169 -6.64 17.33 14.48
N ARG A 170 -5.53 18.03 14.72
CA ARG A 170 -4.35 17.55 15.44
C ARG A 170 -3.54 16.49 14.69
N ASP A 171 -3.79 16.30 13.40
CA ASP A 171 -2.98 15.38 12.60
C ASP A 171 -2.94 15.85 11.16
N VAL A 172 -2.88 17.16 10.95
CA VAL A 172 -2.83 17.72 9.61
C VAL A 172 -1.48 17.38 8.99
N LYS A 173 -1.51 16.73 7.83
CA LYS A 173 -0.33 16.33 7.10
C LYS A 173 -0.75 15.89 5.70
N PRO A 174 0.19 15.83 4.75
CA PRO A 174 -0.20 15.46 3.37
C PRO A 174 -0.90 14.12 3.26
N HIS A 175 -0.50 13.13 4.06
CA HIS A 175 -1.18 11.84 4.03
C HIS A 175 -2.66 11.94 4.35
N ASN A 176 -3.05 12.97 5.11
CA ASN A 176 -4.43 13.13 5.55
C ASN A 176 -5.20 14.15 4.72
N VAL A 177 -4.72 14.45 3.52
CA VAL A 177 -5.39 15.36 2.60
C VAL A 177 -5.61 14.61 1.29
N MET A 178 -6.84 14.20 1.04
CA MET A 178 -7.19 13.55 -0.23
C MET A 178 -7.45 14.61 -1.28
N ILE A 179 -6.89 14.43 -2.46
CA ILE A 179 -7.01 15.41 -3.54
C ILE A 179 -7.32 14.68 -4.85
N ASP A 180 -8.47 14.99 -5.44
CA ASP A 180 -8.78 14.57 -6.81
C ASP A 180 -8.30 15.68 -7.72
N HIS A 181 -7.10 15.50 -8.30
CA HIS A 181 -6.48 16.58 -9.07
C HIS A 181 -7.21 16.85 -10.37
N GLN A 182 -7.93 15.86 -10.90
CA GLN A 182 -8.69 16.09 -12.13
C GLN A 182 -9.91 16.95 -11.88
N GLN A 183 -10.64 16.68 -10.81
CA GLN A 183 -11.86 17.41 -10.49
C GLN A 183 -11.62 18.57 -9.53
N LYS A 184 -10.37 18.80 -9.13
CA LYS A 184 -10.02 19.88 -8.20
C LYS A 184 -10.82 19.77 -6.90
N LYS A 185 -10.81 18.58 -6.32
CA LYS A 185 -11.58 18.27 -5.12
C LYS A 185 -10.64 17.87 -4.00
N LEU A 186 -10.92 18.35 -2.79
CA LEU A 186 -10.06 18.13 -1.63
C LEU A 186 -10.91 17.67 -0.45
N ARG A 187 -10.39 16.69 0.30
CA ARG A 187 -11.04 16.21 1.52
C ARG A 187 -10.01 16.02 2.61
N LEU A 188 -10.25 16.60 3.77
CA LEU A 188 -9.44 16.36 4.96
C LEU A 188 -9.93 15.10 5.67
N ILE A 189 -9.01 14.15 5.88
CA ILE A 189 -9.40 12.84 6.41
C ILE A 189 -8.69 12.54 7.72
N ASP A 190 -8.92 11.33 8.24
CA ASP A 190 -8.30 10.81 9.46
C ASP A 190 -8.55 11.71 10.66
N TRP A 191 -9.74 11.59 11.24
CA TRP A 191 -10.13 12.38 12.40
C TRP A 191 -10.01 11.59 13.70
N GLY A 192 -9.19 10.54 13.71
CA GLY A 192 -9.03 9.71 14.90
C GLY A 192 -8.24 10.38 16.01
N LEU A 193 -7.48 11.42 15.70
CA LEU A 193 -6.76 12.20 16.71
C LEU A 193 -7.45 13.51 17.01
N ALA A 194 -8.54 13.83 16.32
CA ALA A 194 -9.23 15.10 16.56
C ALA A 194 -9.82 15.14 17.95
N GLU A 195 -9.98 16.36 18.48
CA GLU A 195 -10.48 16.55 19.82
C GLU A 195 -11.28 17.85 19.87
N PHE A 196 -12.22 17.92 20.82
CA PHE A 196 -12.97 19.14 21.06
C PHE A 196 -12.13 20.12 21.86
N TYR A 197 -12.13 21.39 21.45
CA TYR A 197 -11.42 22.42 22.19
C TYR A 197 -12.32 22.99 23.27
N HIS A 198 -11.81 23.00 24.51
CA HIS A 198 -12.43 23.65 25.63
C HIS A 198 -11.42 24.61 26.25
N PRO A 199 -11.81 25.86 26.51
CA PRO A 199 -10.83 26.83 27.05
C PRO A 199 -10.22 26.35 28.35
N ALA A 200 -8.89 26.49 28.44
CA ALA A 200 -8.06 26.16 29.60
C ALA A 200 -7.89 24.66 29.81
N GLN A 201 -8.37 23.83 28.88
CA GLN A 201 -8.12 22.40 28.98
C GLN A 201 -6.69 22.08 28.54
N GLU A 202 -6.05 21.16 29.27
CA GLU A 202 -4.74 20.66 28.91
C GLU A 202 -4.88 19.35 28.16
N TYR A 203 -4.17 19.23 27.05
CA TYR A 203 -4.34 18.10 26.14
C TYR A 203 -3.07 17.25 26.06
N ASN A 204 -3.24 16.03 25.57
CA ASN A 204 -2.11 15.15 25.30
C ASN A 204 -1.26 15.73 24.18
N VAL A 205 0.06 15.76 24.38
CA VAL A 205 0.97 16.27 23.37
C VAL A 205 1.47 15.21 22.40
N ARG A 206 1.12 13.94 22.62
CA ARG A 206 1.51 12.86 21.71
C ARG A 206 0.47 12.73 20.60
N VAL A 207 0.39 13.78 19.78
CA VAL A 207 -0.48 13.81 18.62
C VAL A 207 0.33 14.29 17.42
N ALA A 208 -0.30 14.19 16.24
CA ALA A 208 0.29 14.62 14.97
C ALA A 208 1.52 13.79 14.60
N SER A 209 1.94 13.89 13.34
CA SER A 209 3.16 13.23 12.91
C SER A 209 4.36 14.10 13.23
N ARG A 210 5.49 13.44 13.51
CA ARG A 210 6.70 14.12 13.99
C ARG A 210 7.01 15.36 13.15
N TYR A 211 7.01 15.21 11.82
CA TYR A 211 7.43 16.30 10.95
C TYR A 211 6.47 17.48 11.01
N PHE A 212 5.27 17.29 11.55
CA PHE A 212 4.25 18.32 11.55
C PHE A 212 3.82 18.71 12.97
N LYS A 213 4.53 18.24 13.98
CA LYS A 213 4.24 18.64 15.35
C LYS A 213 4.63 20.09 15.57
N GLY A 214 3.70 20.88 16.12
CA GLY A 214 3.99 22.23 16.52
C GLY A 214 5.00 22.29 17.64
N PRO A 215 5.69 23.42 17.78
CA PRO A 215 6.62 23.58 18.92
C PRO A 215 5.99 23.31 20.27
N GLU A 216 4.71 23.62 20.44
CA GLU A 216 4.05 23.38 21.73
C GLU A 216 4.05 21.89 22.08
N LEU A 217 3.86 21.03 21.08
CA LEU A 217 3.92 19.59 21.32
C LEU A 217 5.34 19.15 21.67
N LEU A 218 6.34 19.75 21.03
CA LEU A 218 7.72 19.31 21.22
C LEU A 218 8.27 19.74 22.58
N VAL A 219 7.76 20.83 23.14
CA VAL A 219 8.21 21.32 24.44
C VAL A 219 7.24 20.95 25.56
N ASP A 220 6.25 20.09 25.28
CA ASP A 220 5.30 19.60 26.28
C ASP A 220 4.45 20.73 26.87
N TYR A 221 3.92 21.59 26.00
CA TYR A 221 2.95 22.60 26.41
C TYR A 221 1.57 22.07 26.06
N GLN A 222 0.79 21.73 27.10
CA GLN A 222 -0.46 21.01 26.91
C GLN A 222 -1.66 21.91 26.64
N MET A 223 -1.57 23.20 26.91
CA MET A 223 -2.74 24.08 26.77
C MET A 223 -2.79 24.73 25.40
N TYR A 224 -2.71 23.91 24.35
CA TYR A 224 -2.74 24.39 22.99
C TYR A 224 -4.19 24.42 22.48
N ASP A 225 -4.36 24.80 21.22
CA ASP A 225 -5.70 25.02 20.66
C ASP A 225 -5.64 24.81 19.14
N TYR A 226 -6.60 25.41 18.43
CA TYR A 226 -6.69 25.20 16.98
C TYR A 226 -5.41 25.63 16.25
N SER A 227 -4.64 26.55 16.84
CA SER A 227 -3.44 27.04 16.18
C SER A 227 -2.42 25.94 15.93
N LEU A 228 -2.52 24.81 16.62
CA LEU A 228 -1.68 23.67 16.32
C LEU A 228 -1.82 23.25 14.86
N ASP A 229 -3.06 23.20 14.36
CA ASP A 229 -3.28 22.83 12.96
C ASP A 229 -2.66 23.84 12.01
N MET A 230 -2.55 25.11 12.43
CA MET A 230 -1.99 26.13 11.55
C MET A 230 -0.49 25.99 11.42
N TRP A 231 0.20 25.52 12.46
CA TRP A 231 1.62 25.18 12.30
C TRP A 231 1.78 24.05 11.30
N SER A 232 1.00 22.98 11.46
CA SER A 232 1.07 21.85 10.53
C SER A 232 0.82 22.30 9.10
N LEU A 233 -0.13 23.21 8.90
CA LEU A 233 -0.40 23.73 7.56
C LEU A 233 0.80 24.51 7.02
N GLY A 234 1.46 25.30 7.88
CA GLY A 234 2.64 26.01 7.45
C GLY A 234 3.76 25.08 7.02
N CYS A 235 3.92 23.97 7.75
CA CYS A 235 4.89 22.96 7.33
C CYS A 235 4.56 22.43 5.93
N MET A 236 3.28 22.24 5.64
CA MET A 236 2.89 21.75 4.33
C MET A 236 3.13 22.81 3.25
N LEU A 237 2.78 24.06 3.54
CA LEU A 237 3.04 25.15 2.59
C LEU A 237 4.52 25.27 2.27
N ALA A 238 5.37 25.18 3.30
CA ALA A 238 6.81 25.28 3.08
C ALA A 238 7.32 24.17 2.18
N SER A 239 6.87 22.94 2.42
CA SER A 239 7.35 21.81 1.63
C SER A 239 6.91 21.90 0.17
N MET A 240 5.74 22.50 -0.09
CA MET A 240 5.25 22.58 -1.46
C MET A 240 5.93 23.68 -2.25
N ILE A 241 6.05 24.88 -1.68
CA ILE A 241 6.63 25.99 -2.43
C ILE A 241 8.14 25.83 -2.55
N PHE A 242 8.78 25.15 -1.60
CA PHE A 242 10.22 24.94 -1.64
C PHE A 242 10.61 23.58 -2.21
N ARG A 243 9.64 22.70 -2.46
CA ARG A 243 9.88 21.35 -2.96
C ARG A 243 10.91 20.63 -2.09
N ARG A 244 10.60 20.57 -0.80
CA ARG A 244 11.43 19.92 0.22
C ARG A 244 10.46 19.26 1.21
N GLU A 245 10.12 18.01 0.96
CA GLU A 245 9.08 17.32 1.72
C GLU A 245 9.65 16.13 2.48
N PRO A 246 9.51 16.13 3.82
CA PRO A 246 8.93 17.22 4.63
C PRO A 246 9.93 18.34 4.87
N PHE A 247 9.45 19.52 5.27
CA PHE A 247 10.35 20.66 5.41
C PHE A 247 11.26 20.50 6.62
N PHE A 248 10.69 20.17 7.78
CA PHE A 248 11.46 19.88 8.98
C PHE A 248 11.54 18.37 9.12
N HIS A 249 12.71 17.81 8.78
CA HIS A 249 12.86 16.36 8.64
C HIS A 249 13.65 15.80 9.83
N GLY A 250 12.99 15.82 10.99
CA GLY A 250 13.64 15.37 12.20
C GLY A 250 13.74 13.86 12.30
N GLN A 251 14.75 13.41 13.05
CA GLN A 251 14.96 11.98 13.29
C GLN A 251 14.22 11.48 14.52
N ASP A 252 13.93 12.36 15.48
CA ASP A 252 13.09 12.04 16.63
C ASP A 252 12.48 13.35 17.12
N ASN A 253 11.77 13.29 18.25
CA ASN A 253 11.10 14.48 18.75
C ASN A 253 12.09 15.56 19.19
N TYR A 254 13.23 15.16 19.76
CA TYR A 254 14.25 16.13 20.14
C TYR A 254 14.85 16.79 18.90
N ASP A 255 15.31 15.98 17.93
CA ASP A 255 15.90 16.52 16.73
C ASP A 255 14.90 17.34 15.92
N GLN A 256 13.60 17.04 16.05
CA GLN A 256 12.59 17.80 15.33
C GLN A 256 12.59 19.27 15.75
N LEU A 257 12.69 19.53 17.06
CA LEU A 257 12.74 20.91 17.52
C LEU A 257 14.07 21.57 17.14
N VAL A 258 15.16 20.81 17.11
CA VAL A 258 16.44 21.36 16.69
C VAL A 258 16.37 21.84 15.25
N ARG A 259 15.79 21.03 14.37
CA ARG A 259 15.68 21.41 12.97
C ARG A 259 14.78 22.63 12.79
N ILE A 260 13.75 22.77 13.63
CA ILE A 260 12.95 23.99 13.62
C ILE A 260 13.79 25.16 14.12
N ALA A 261 14.53 24.96 15.20
CA ALA A 261 15.32 26.04 15.79
C ALA A 261 16.42 26.51 14.85
N LYS A 262 16.91 25.63 13.98
CA LYS A 262 17.93 26.04 13.02
C LYS A 262 17.38 26.96 11.92
N VAL A 263 16.07 27.06 11.79
CA VAL A 263 15.43 27.92 10.80
C VAL A 263 14.79 29.14 11.47
N LEU A 264 13.98 28.91 12.51
CA LEU A 264 13.31 30.01 13.20
C LEU A 264 14.22 30.71 14.20
N GLY A 265 15.39 30.16 14.49
CA GLY A 265 16.28 30.75 15.47
C GLY A 265 15.89 30.37 16.89
N THR A 266 16.85 30.51 17.80
CA THR A 266 16.64 30.11 19.18
C THR A 266 16.15 31.23 20.08
N GLU A 267 16.38 32.50 19.71
CA GLU A 267 15.95 33.60 20.57
C GLU A 267 14.44 33.59 20.76
N GLU A 268 13.68 33.46 19.67
CA GLU A 268 12.24 33.42 19.80
C GLU A 268 11.74 32.12 20.42
N LEU A 269 12.53 31.04 20.34
CA LEU A 269 12.18 29.82 21.05
C LEU A 269 12.25 30.01 22.56
N TYR A 270 13.36 30.55 23.04
CA TYR A 270 13.48 30.82 24.47
C TYR A 270 12.54 31.92 24.93
N GLY A 271 12.25 32.89 24.06
CA GLY A 271 11.22 33.87 24.39
C GLY A 271 9.85 33.23 24.50
N TYR A 272 9.56 32.27 23.62
CA TYR A 272 8.32 31.52 23.70
C TYR A 272 8.23 30.76 25.02
N LEU A 273 9.32 30.09 25.41
CA LEU A 273 9.31 29.33 26.66
C LEU A 273 9.09 30.22 27.86
N LYS A 274 9.69 31.42 27.87
CA LYS A 274 9.52 32.32 29.00
C LYS A 274 8.10 32.85 29.07
N LYS A 275 7.49 33.17 27.93
CA LYS A 275 6.16 33.76 27.92
C LYS A 275 5.13 32.80 28.53
N TYR A 276 5.22 31.52 28.21
CA TYR A 276 4.22 30.54 28.63
C TYR A 276 4.68 29.67 29.80
N HIS A 277 5.76 30.07 30.47
CA HIS A 277 6.26 29.38 31.67
C HIS A 277 6.52 27.90 31.39
N ILE A 278 7.05 27.61 30.21
CA ILE A 278 7.33 26.23 29.81
C ILE A 278 8.68 25.83 30.37
N ASP A 279 8.72 24.74 31.12
CA ASP A 279 9.97 24.19 31.64
C ASP A 279 10.56 23.30 30.57
N LEU A 280 11.70 23.70 30.00
CA LEU A 280 12.28 22.99 28.88
C LEU A 280 13.01 21.75 29.38
N ASP A 281 12.74 20.61 28.74
CA ASP A 281 13.44 19.36 28.99
C ASP A 281 14.94 19.60 29.01
N PRO A 282 15.64 19.26 30.10
CA PRO A 282 17.06 19.60 30.20
C PRO A 282 17.93 18.94 29.13
N HIS A 283 17.43 17.91 28.45
CA HIS A 283 18.20 17.32 27.36
C HIS A 283 18.37 18.30 26.20
N PHE A 284 17.40 19.21 26.00
CA PHE A 284 17.47 20.16 24.89
C PHE A 284 18.65 21.12 25.04
N ASN A 285 19.06 21.41 26.28
CA ASN A 285 20.09 22.42 26.50
C ASN A 285 21.44 22.01 25.92
N ASP A 286 21.67 20.72 25.72
CA ASP A 286 22.91 20.24 25.12
C ASP A 286 22.82 20.10 23.60
N ILE A 287 21.63 20.23 23.01
CA ILE A 287 21.47 20.04 21.58
C ILE A 287 20.85 21.24 20.87
N LEU A 288 20.19 22.15 21.58
CA LEU A 288 19.55 23.27 20.90
C LEU A 288 20.58 24.29 20.42
N GLY A 289 21.58 24.59 21.25
CA GLY A 289 22.58 25.55 20.85
C GLY A 289 22.01 26.95 20.67
N GLN A 290 22.65 27.72 19.80
CA GLN A 290 22.22 29.07 19.46
C GLN A 290 22.19 29.19 17.95
N HIS A 291 21.04 29.61 17.42
CA HIS A 291 20.85 29.69 15.97
C HIS A 291 20.15 30.99 15.62
N SER A 292 20.55 31.57 14.49
CA SER A 292 19.90 32.77 13.98
C SER A 292 18.57 32.40 13.30
N ARG A 293 17.70 33.40 13.21
CA ARG A 293 16.46 33.27 12.45
C ARG A 293 16.79 33.44 10.98
N LYS A 294 16.64 32.37 10.19
CA LYS A 294 17.05 32.39 8.80
C LYS A 294 16.05 33.13 7.93
N ARG A 295 16.56 33.73 6.86
CA ARG A 295 15.69 34.37 5.87
C ARG A 295 15.04 33.31 4.99
N TRP A 296 13.74 33.44 4.77
CA TRP A 296 13.01 32.47 3.96
C TRP A 296 13.51 32.43 2.52
N GLU A 297 14.12 33.50 2.04
CA GLU A 297 14.65 33.51 0.68
C GLU A 297 15.81 32.55 0.50
N ASN A 298 16.47 32.14 1.59
CA ASN A 298 17.62 31.23 1.51
C ASN A 298 17.23 29.83 1.06
N PHE A 299 15.95 29.48 1.07
CA PHE A 299 15.49 28.18 0.61
C PHE A 299 15.07 28.19 -0.85
N ILE A 300 15.15 29.34 -1.52
CA ILE A 300 14.82 29.43 -2.94
C ILE A 300 15.99 28.92 -3.76
N HIS A 301 15.70 28.09 -4.76
CA HIS A 301 16.69 27.72 -5.76
C HIS A 301 16.00 27.63 -7.12
N SER A 302 16.75 27.22 -8.14
CA SER A 302 16.26 27.26 -9.51
C SER A 302 15.08 26.33 -9.74
N GLU A 303 14.94 25.27 -8.92
CA GLU A 303 13.86 24.31 -9.13
C GLU A 303 12.54 24.72 -8.47
N ASN A 304 12.55 25.62 -7.50
CA ASN A 304 11.34 26.03 -6.81
C ASN A 304 11.01 27.51 -6.97
N ARG A 305 11.84 28.26 -7.70
CA ARG A 305 11.67 29.71 -7.77
C ARG A 305 10.31 30.08 -8.35
N HIS A 306 9.82 29.32 -9.33
CA HIS A 306 8.53 29.59 -9.94
C HIS A 306 7.36 29.41 -8.97
N LEU A 307 7.57 28.77 -7.83
CA LEU A 307 6.52 28.57 -6.84
C LEU A 307 6.58 29.56 -5.68
N VAL A 308 7.66 30.34 -5.58
CA VAL A 308 7.85 31.26 -4.46
C VAL A 308 7.53 32.68 -4.91
N SER A 309 6.86 33.43 -4.04
CA SER A 309 6.55 34.83 -4.26
C SER A 309 6.63 35.54 -2.92
N PRO A 310 6.74 36.88 -2.91
CA PRO A 310 6.69 37.60 -1.63
C PRO A 310 5.45 37.29 -0.80
N GLU A 311 4.29 37.17 -1.45
CA GLU A 311 3.08 36.81 -0.72
C GLU A 311 3.18 35.42 -0.11
N ALA A 312 3.79 34.49 -0.84
CA ALA A 312 3.96 33.14 -0.30
C ALA A 312 4.88 33.13 0.91
N LEU A 313 5.98 33.90 0.85
CA LEU A 313 6.90 33.94 1.99
C LEU A 313 6.29 34.65 3.18
N ASP A 314 5.51 35.72 2.94
CA ASP A 314 4.88 36.43 4.05
C ASP A 314 3.88 35.55 4.77
N LEU A 315 3.04 34.84 4.01
CA LEU A 315 2.09 33.91 4.61
C LEU A 315 2.81 32.83 5.41
N LEU A 316 3.82 32.20 4.79
CA LEU A 316 4.60 31.18 5.48
C LEU A 316 5.21 31.73 6.77
N ASP A 317 5.78 32.94 6.69
CA ASP A 317 6.39 33.55 7.87
C ASP A 317 5.39 33.77 8.98
N LYS A 318 4.12 33.99 8.65
CA LYS A 318 3.08 34.25 9.64
C LYS A 318 2.39 32.99 10.13
N LEU A 319 2.66 31.84 9.50
CA LEU A 319 2.18 30.56 10.00
C LEU A 319 3.21 29.88 10.91
N LEU A 320 4.48 29.88 10.51
CA LEU A 320 5.52 29.17 11.23
C LEU A 320 6.12 30.10 12.29
N ARG A 321 5.37 30.27 13.38
CA ARG A 321 5.80 31.01 14.55
C ARG A 321 5.80 30.08 15.75
N TYR A 322 6.82 30.20 16.60
CA TYR A 322 6.81 29.48 17.87
C TYR A 322 5.53 29.78 18.64
N ASP A 323 5.26 31.06 18.87
CA ASP A 323 4.11 31.49 19.64
C ASP A 323 2.83 31.12 18.90
N HIS A 324 2.14 30.09 19.39
CA HIS A 324 0.92 29.62 18.74
C HIS A 324 -0.14 30.71 18.69
N GLN A 325 -0.12 31.65 19.64
CA GLN A 325 -1.09 32.74 19.65
C GLN A 325 -0.82 33.75 18.54
N GLN A 326 0.43 33.86 18.07
CA GLN A 326 0.76 34.80 17.00
C GLN A 326 0.53 34.23 15.61
N ARG A 327 0.35 32.92 15.48
CA ARG A 327 0.09 32.34 14.17
C ARG A 327 -1.24 32.83 13.63
N LEU A 328 -1.33 32.94 12.31
CA LEU A 328 -2.59 33.29 11.68
C LEU A 328 -3.65 32.22 11.98
N THR A 329 -4.87 32.67 12.24
CA THR A 329 -5.99 31.74 12.23
C THR A 329 -6.27 31.29 10.80
N ALA A 330 -7.09 30.25 10.67
CA ALA A 330 -7.44 29.76 9.34
C ALA A 330 -8.12 30.86 8.53
N LYS A 331 -9.02 31.61 9.16
CA LYS A 331 -9.73 32.66 8.42
C LYS A 331 -8.81 33.83 8.09
N GLU A 332 -7.90 34.19 9.00
CA GLU A 332 -6.90 35.20 8.68
C GLU A 332 -6.02 34.77 7.53
N ALA A 333 -5.59 33.51 7.52
CA ALA A 333 -4.77 32.99 6.42
C ALA A 333 -5.54 33.02 5.11
N MET A 334 -6.84 32.72 5.15
CA MET A 334 -7.64 32.74 3.92
C MET A 334 -7.72 34.14 3.32
N GLU A 335 -7.70 35.18 4.16
CA GLU A 335 -7.79 36.56 3.70
C GLU A 335 -6.44 37.10 3.26
N HIS A 336 -5.39 36.29 3.26
CA HIS A 336 -4.06 36.76 2.89
C HIS A 336 -4.00 37.03 1.40
N PRO A 337 -3.22 38.04 0.98
CA PRO A 337 -3.09 38.32 -0.46
C PRO A 337 -2.57 37.15 -1.28
N TYR A 338 -1.90 36.17 -0.65
CA TYR A 338 -1.43 34.99 -1.36
C TYR A 338 -2.57 34.26 -2.08
N PHE A 339 -3.79 34.35 -1.55
CA PHE A 339 -4.94 33.68 -2.12
C PHE A 339 -5.82 34.59 -2.96
N TYR A 340 -5.40 35.82 -3.22
CA TYR A 340 -6.16 36.71 -4.10
C TYR A 340 -6.47 36.11 -5.46
N PRO A 341 -5.54 35.46 -6.16
CA PRO A 341 -5.92 34.82 -7.44
C PRO A 341 -6.96 33.73 -7.28
N VAL A 342 -6.94 33.00 -6.16
CA VAL A 342 -7.93 31.97 -5.93
C VAL A 342 -9.29 32.59 -5.63
N VAL A 343 -9.32 33.61 -4.77
CA VAL A 343 -10.58 34.28 -4.43
C VAL A 343 -11.21 34.89 -5.68
N LYS A 344 -10.39 35.47 -6.56
CA LYS A 344 -10.93 36.08 -7.77
C LYS A 344 -11.58 35.05 -8.67
N GLU A 345 -11.03 33.84 -8.73
CA GLU A 345 -11.60 32.75 -9.52
C GLU A 345 -12.87 32.18 -8.89
N GLN A 346 -13.50 32.93 -8.00
CA GLN A 346 -14.71 32.50 -7.29
C GLN A 346 -14.46 31.19 -6.51
N ALA B 20 21.43 -39.09 -11.60
CA ALA B 20 21.24 -37.85 -10.87
C ALA B 20 20.63 -36.76 -11.75
N GLY B 21 20.65 -37.00 -13.06
CA GLY B 21 20.10 -36.03 -14.00
C GLY B 21 18.59 -36.01 -14.01
N SER B 22 18.06 -35.03 -14.74
CA SER B 22 16.62 -34.83 -14.84
C SER B 22 16.34 -33.93 -16.02
N ARG B 23 15.19 -34.14 -16.65
CA ARG B 23 14.82 -33.44 -17.87
C ARG B 23 13.32 -33.20 -17.86
N ALA B 24 12.91 -32.08 -18.46
CA ALA B 24 11.49 -31.76 -18.55
C ALA B 24 10.80 -32.73 -19.51
N ARG B 25 9.61 -33.18 -19.12
CA ARG B 25 8.86 -34.11 -19.96
C ARG B 25 8.27 -33.44 -21.19
N VAL B 26 8.13 -32.11 -21.18
CA VAL B 26 7.60 -31.38 -22.33
C VAL B 26 8.45 -30.13 -22.54
N TYR B 27 8.46 -29.65 -23.78
CA TYR B 27 9.07 -28.36 -24.12
C TYR B 27 10.56 -28.32 -23.78
N ALA B 28 11.21 -29.48 -23.74
CA ALA B 28 12.61 -29.51 -23.28
C ALA B 28 13.55 -28.86 -24.29
N GLU B 29 13.27 -29.02 -25.59
CA GLU B 29 14.17 -28.54 -26.64
C GLU B 29 13.75 -27.19 -27.21
N VAL B 30 12.79 -26.51 -26.57
CA VAL B 30 12.18 -25.33 -27.17
C VAL B 30 13.23 -24.26 -27.49
N ASN B 31 14.09 -23.96 -26.51
CA ASN B 31 15.04 -22.86 -26.68
C ASN B 31 16.14 -23.20 -27.68
N SER B 32 16.48 -24.48 -27.82
CA SER B 32 17.48 -24.88 -28.81
C SER B 32 16.95 -24.73 -30.24
N LEU B 33 15.63 -24.68 -30.42
CA LEU B 33 15.04 -24.45 -31.73
C LEU B 33 15.03 -22.98 -32.11
N ARG B 34 15.42 -22.10 -31.21
CA ARG B 34 15.43 -20.66 -31.45
C ARG B 34 16.87 -20.14 -31.47
N SER B 35 17.03 -18.95 -32.06
CA SER B 35 18.34 -18.33 -32.10
C SER B 35 18.77 -17.95 -30.68
N ARG B 36 20.09 -17.81 -30.50
CA ARG B 36 20.63 -17.46 -29.20
C ARG B 36 20.07 -16.14 -28.69
N GLU B 37 19.73 -15.22 -29.60
CA GLU B 37 19.16 -13.94 -29.22
C GLU B 37 17.89 -14.11 -28.40
N TYR B 38 17.16 -15.21 -28.60
CA TYR B 38 15.91 -15.41 -27.88
C TYR B 38 16.12 -15.53 -26.37
N TRP B 39 17.15 -16.29 -25.96
CA TRP B 39 17.33 -16.62 -24.55
C TRP B 39 18.56 -15.99 -23.92
N ASP B 40 19.50 -15.47 -24.70
CA ASP B 40 20.70 -14.82 -24.17
C ASP B 40 20.35 -13.39 -23.79
N TYR B 41 19.78 -13.24 -22.60
CA TYR B 41 19.28 -11.94 -22.16
C TYR B 41 20.39 -10.96 -21.79
N GLU B 42 21.58 -11.45 -21.44
CA GLU B 42 22.68 -10.53 -21.12
C GLU B 42 23.07 -9.67 -22.31
N ALA B 43 22.80 -10.15 -23.53
CA ALA B 43 23.10 -9.38 -24.73
C ALA B 43 21.92 -8.51 -25.16
N HIS B 44 20.76 -8.64 -24.51
CA HIS B 44 19.61 -7.81 -24.85
C HIS B 44 19.86 -6.38 -24.42
N VAL B 45 19.53 -5.44 -25.31
CA VAL B 45 19.67 -4.02 -25.07
C VAL B 45 18.29 -3.37 -25.16
N PRO B 46 17.67 -3.06 -24.03
CA PRO B 46 16.35 -2.42 -24.07
C PRO B 46 16.41 -1.00 -24.60
N SER B 47 15.28 -0.55 -25.14
CA SER B 47 15.10 0.82 -25.63
C SER B 47 14.38 1.61 -24.55
N TRP B 48 15.12 2.42 -23.81
CA TRP B 48 14.59 3.19 -22.69
C TRP B 48 13.99 4.49 -23.19
N GLY B 49 12.66 4.59 -23.13
CA GLY B 49 11.96 5.80 -23.47
C GLY B 49 11.88 6.75 -22.29
N ASN B 50 11.10 7.82 -22.49
CA ASN B 50 10.99 8.89 -21.50
C ASN B 50 9.79 8.63 -20.59
N GLN B 51 10.06 8.44 -19.31
CA GLN B 51 8.98 8.17 -18.35
C GLN B 51 8.05 9.36 -18.18
N ASP B 52 8.50 10.57 -18.53
CA ASP B 52 7.63 11.73 -18.45
C ASP B 52 6.40 11.60 -19.36
N GLY B 53 6.40 10.66 -20.29
CA GLY B 53 5.18 10.34 -21.02
C GLY B 53 4.10 9.70 -20.17
N TYR B 54 4.43 9.31 -18.94
CA TYR B 54 3.48 8.71 -18.01
C TYR B 54 3.45 9.52 -16.72
N GLN B 55 2.25 9.81 -16.23
CA GLN B 55 2.06 10.55 -15.00
C GLN B 55 1.66 9.57 -13.89
N LEU B 56 2.55 9.40 -12.91
CA LEU B 56 2.25 8.55 -11.76
C LEU B 56 1.13 9.17 -10.92
N VAL B 57 0.20 8.34 -10.48
CA VAL B 57 -0.96 8.78 -9.73
C VAL B 57 -0.90 8.31 -8.28
N ARG B 58 -0.72 7.01 -8.06
CA ARG B 58 -0.76 6.48 -6.71
C ARG B 58 -0.12 5.09 -6.65
N LYS B 59 0.51 4.82 -5.51
CA LYS B 59 1.16 3.53 -5.28
C LYS B 59 0.15 2.42 -5.11
N LEU B 60 0.43 1.28 -5.74
CA LEU B 60 -0.39 0.08 -5.61
C LEU B 60 0.29 -0.90 -4.67
N GLY B 61 -0.49 -1.45 -3.73
CA GLY B 61 0.05 -2.42 -2.81
C GLY B 61 0.40 -3.73 -3.51
N ARG B 62 1.49 -4.36 -3.05
CA ARG B 62 1.99 -5.59 -3.66
C ARG B 62 2.27 -6.70 -2.67
N GLY B 63 1.96 -6.53 -1.38
CA GLY B 63 2.34 -7.49 -0.37
C GLY B 63 3.82 -7.56 -0.10
N LYS B 64 4.62 -6.68 -0.70
CA LYS B 64 6.06 -6.63 -0.49
C LYS B 64 6.53 -5.21 -0.77
N TYR B 65 7.70 -4.88 -0.25
CA TYR B 65 8.28 -3.55 -0.46
C TYR B 65 8.66 -3.43 -1.93
N SER B 66 7.84 -2.70 -2.70
CA SER B 66 7.98 -2.58 -4.14
C SER B 66 7.70 -1.14 -4.54
N GLU B 67 7.85 -0.85 -5.83
CA GLU B 67 7.55 0.47 -6.38
C GLU B 67 6.66 0.32 -7.62
N VAL B 68 5.38 0.02 -7.39
CA VAL B 68 4.41 -0.20 -8.46
C VAL B 68 3.35 0.89 -8.33
N PHE B 69 3.13 1.64 -9.40
CA PHE B 69 2.25 2.79 -9.38
C PHE B 69 1.18 2.70 -10.47
N GLU B 70 -0.05 3.04 -10.11
CA GLU B 70 -1.04 3.38 -11.12
C GLU B 70 -0.64 4.70 -11.77
N ALA B 71 -0.79 4.77 -13.09
CA ALA B 71 -0.30 5.92 -13.83
C ALA B 71 -1.21 6.18 -15.02
N ILE B 72 -1.02 7.36 -15.63
CA ILE B 72 -1.78 7.78 -16.80
C ILE B 72 -0.82 7.99 -17.95
N ASN B 73 -1.08 7.31 -19.07
CA ASN B 73 -0.38 7.59 -20.32
C ASN B 73 -0.82 8.95 -20.83
N ILE B 74 0.08 9.94 -20.79
CA ILE B 74 -0.29 11.32 -21.08
C ILE B 74 -0.75 11.47 -22.53
N THR B 75 -0.25 10.63 -23.44
CA THR B 75 -0.57 10.79 -24.85
C THR B 75 -2.03 10.45 -25.13
N ASN B 76 -2.51 9.32 -24.62
CA ASN B 76 -3.87 8.86 -24.89
C ASN B 76 -4.74 8.83 -23.65
N ASN B 77 -4.24 9.30 -22.50
CA ASN B 77 -4.99 9.38 -21.25
C ASN B 77 -5.45 8.00 -20.77
N GLU B 78 -4.81 6.94 -21.24
CA GLU B 78 -5.15 5.59 -20.80
C GLU B 78 -4.43 5.25 -19.49
N ARG B 79 -5.13 4.54 -18.62
CA ARG B 79 -4.59 4.13 -17.33
C ARG B 79 -3.64 2.94 -17.50
N VAL B 80 -2.44 3.07 -16.95
CA VAL B 80 -1.42 2.03 -17.00
C VAL B 80 -0.85 1.83 -15.59
N VAL B 81 0.14 0.95 -15.50
CA VAL B 81 0.84 0.66 -14.25
C VAL B 81 2.34 0.75 -14.51
N VAL B 82 3.05 1.45 -13.64
CA VAL B 82 4.50 1.65 -13.76
C VAL B 82 5.18 0.94 -12.59
N LYS B 83 6.16 0.09 -12.93
CA LYS B 83 6.96 -0.63 -11.95
C LYS B 83 8.37 -0.05 -11.99
N ILE B 84 8.75 0.67 -10.93
CA ILE B 84 10.06 1.29 -10.87
C ILE B 84 11.08 0.26 -10.40
N LEU B 85 12.12 0.05 -11.22
CA LEU B 85 13.11 -1.00 -10.97
C LEU B 85 14.22 -0.47 -10.08
N LYS B 86 13.97 -0.52 -8.78
CA LYS B 86 14.93 -0.05 -7.78
C LYS B 86 14.97 -1.05 -6.62
N PRO B 87 16.17 -1.54 -6.26
CA PRO B 87 17.50 -1.25 -6.80
C PRO B 87 17.70 -1.68 -8.26
N VAL B 88 18.60 -1.00 -8.96
CA VAL B 88 18.80 -1.23 -10.38
C VAL B 88 19.76 -2.41 -10.54
N LYS B 89 19.24 -3.55 -11.00
CA LYS B 89 20.01 -4.76 -11.25
C LYS B 89 19.95 -5.01 -12.76
N LYS B 90 20.96 -4.50 -13.48
CA LYS B 90 20.84 -4.37 -14.94
C LYS B 90 20.72 -5.73 -15.63
N LYS B 91 21.50 -6.71 -15.18
CA LYS B 91 21.40 -8.05 -15.77
C LYS B 91 20.02 -8.65 -15.52
N LYS B 92 19.54 -8.55 -14.28
CA LYS B 92 18.22 -9.06 -13.93
C LYS B 92 17.12 -8.31 -14.67
N ILE B 93 17.30 -7.01 -14.88
CA ILE B 93 16.32 -6.24 -15.64
C ILE B 93 16.28 -6.71 -17.08
N LYS B 94 17.44 -6.97 -17.68
CA LYS B 94 17.49 -7.48 -19.04
C LYS B 94 16.75 -8.80 -19.17
N ARG B 95 16.90 -9.68 -18.18
CA ARG B 95 16.21 -10.97 -18.21
C ARG B 95 14.69 -10.79 -18.18
N GLU B 96 14.21 -9.93 -17.28
CA GLU B 96 12.77 -9.71 -17.16
C GLU B 96 12.20 -9.06 -18.41
N VAL B 97 12.90 -8.07 -18.96
CA VAL B 97 12.42 -7.39 -20.16
C VAL B 97 12.38 -8.36 -21.33
N LYS B 98 13.46 -9.12 -21.53
CA LYS B 98 13.51 -10.06 -22.64
C LYS B 98 12.41 -11.10 -22.54
N ILE B 99 12.15 -11.61 -21.32
CA ILE B 99 11.11 -12.61 -21.14
C ILE B 99 9.73 -12.02 -21.40
N LEU B 100 9.48 -10.80 -20.92
CA LEU B 100 8.19 -10.15 -21.17
C LEU B 100 7.99 -9.90 -22.66
N GLU B 101 9.06 -9.53 -23.37
CA GLU B 101 8.96 -9.32 -24.81
C GLU B 101 8.76 -10.64 -25.55
N ASN B 102 9.46 -11.70 -25.12
CA ASN B 102 9.24 -13.01 -25.73
C ASN B 102 7.82 -13.50 -25.52
N LEU B 103 7.22 -13.16 -24.39
CA LEU B 103 5.90 -13.65 -24.02
C LEU B 103 4.77 -12.71 -24.39
N ARG B 104 5.08 -11.51 -24.89
CA ARG B 104 4.03 -10.52 -25.15
C ARG B 104 3.05 -11.05 -26.19
N GLY B 105 1.78 -10.75 -25.97
CA GLY B 105 0.71 -11.35 -26.75
C GLY B 105 0.32 -12.74 -26.31
N GLY B 106 1.00 -13.30 -25.31
CA GLY B 106 0.68 -14.63 -24.83
C GLY B 106 -0.60 -14.66 -24.01
N THR B 107 -1.17 -15.85 -23.93
CA THR B 107 -2.45 -16.03 -23.24
C THR B 107 -2.32 -15.72 -21.75
N ASN B 108 -3.03 -14.68 -21.31
CA ASN B 108 -3.13 -14.28 -19.91
C ASN B 108 -1.78 -13.89 -19.31
N ILE B 109 -0.82 -13.50 -20.14
CA ILE B 109 0.42 -12.90 -19.67
C ILE B 109 0.23 -11.40 -19.62
N ILE B 110 0.72 -10.78 -18.54
CA ILE B 110 0.63 -9.31 -18.44
C ILE B 110 1.37 -8.69 -19.61
N LYS B 111 0.76 -7.67 -20.20
CA LYS B 111 1.30 -7.01 -21.39
C LYS B 111 2.28 -5.92 -20.97
N LEU B 112 3.55 -6.06 -21.37
CA LEU B 112 4.52 -5.00 -21.22
C LEU B 112 4.26 -3.93 -22.27
N ILE B 113 3.95 -2.72 -21.84
CA ILE B 113 3.61 -1.64 -22.77
C ILE B 113 4.84 -0.84 -23.18
N ASP B 114 5.76 -0.60 -22.24
CA ASP B 114 6.87 0.30 -22.50
C ASP B 114 7.99 0.02 -21.51
N THR B 115 9.19 0.46 -21.90
CA THR B 115 10.37 0.43 -21.03
C THR B 115 10.95 1.83 -21.03
N VAL B 116 10.94 2.49 -19.88
CA VAL B 116 11.25 3.91 -19.79
C VAL B 116 12.22 4.16 -18.64
N LYS B 117 12.81 5.36 -18.67
CA LYS B 117 13.63 5.87 -17.59
C LYS B 117 13.14 7.25 -17.17
N ASP B 118 13.26 7.54 -15.89
CA ASP B 118 13.02 8.90 -15.41
C ASP B 118 14.09 9.82 -15.97
N PRO B 119 13.73 10.97 -16.56
CA PRO B 119 14.75 11.84 -17.16
C PRO B 119 15.76 12.37 -16.18
N VAL B 120 15.38 12.55 -14.91
CA VAL B 120 16.28 13.10 -13.90
C VAL B 120 17.11 11.99 -13.27
N SER B 121 16.46 11.04 -12.61
CA SER B 121 17.16 10.01 -11.85
C SER B 121 17.75 8.92 -12.72
N LYS B 122 17.28 8.77 -13.97
CA LYS B 122 17.71 7.72 -14.89
C LYS B 122 17.38 6.32 -14.37
N THR B 123 16.50 6.23 -13.38
CA THR B 123 16.06 4.93 -12.89
C THR B 123 15.13 4.28 -13.91
N PRO B 124 15.37 3.04 -14.32
CA PRO B 124 14.50 2.41 -15.30
C PRO B 124 13.19 1.96 -14.67
N ALA B 125 12.17 1.87 -15.52
CA ALA B 125 10.84 1.46 -15.09
C ALA B 125 10.15 0.73 -16.22
N LEU B 126 9.23 -0.17 -15.85
CA LEU B 126 8.42 -0.92 -16.79
C LEU B 126 6.98 -0.44 -16.72
N VAL B 127 6.33 -0.37 -17.88
CA VAL B 127 4.93 0.05 -17.99
C VAL B 127 4.11 -1.15 -18.43
N PHE B 128 3.07 -1.46 -17.66
CA PHE B 128 2.21 -2.60 -17.92
C PHE B 128 0.78 -2.13 -18.18
N GLU B 129 0.00 -3.00 -18.81
CA GLU B 129 -1.43 -2.76 -18.93
C GLU B 129 -2.07 -2.73 -17.56
N TYR B 130 -3.16 -1.98 -17.44
CA TYR B 130 -3.92 -1.93 -16.20
C TYR B 130 -5.00 -3.01 -16.19
N ILE B 131 -5.13 -3.69 -15.05
CA ILE B 131 -6.20 -4.66 -14.82
C ILE B 131 -6.81 -4.38 -13.45
N ASN B 132 -8.14 -4.31 -13.40
CA ASN B 132 -8.88 -3.93 -12.19
C ASN B 132 -8.87 -5.11 -11.21
N ASN B 133 -7.77 -5.22 -10.48
CA ASN B 133 -7.52 -6.40 -9.65
C ASN B 133 -8.24 -6.31 -8.32
N THR B 134 -8.73 -7.45 -7.84
CA THR B 134 -9.25 -7.60 -6.48
C THR B 134 -8.21 -8.32 -5.63
N ASP B 135 -7.90 -7.76 -4.47
CA ASP B 135 -6.97 -8.39 -3.53
C ASP B 135 -7.37 -9.83 -3.30
N PHE B 136 -6.40 -10.74 -3.45
CA PHE B 136 -6.72 -12.17 -3.37
C PHE B 136 -7.22 -12.57 -1.99
N LYS B 137 -6.77 -11.88 -0.94
CA LYS B 137 -7.28 -12.14 0.40
C LYS B 137 -8.79 -11.92 0.46
N GLN B 138 -9.28 -10.93 -0.27
CA GLN B 138 -10.72 -10.68 -0.35
C GLN B 138 -11.38 -11.52 -1.43
N LEU B 139 -10.71 -11.71 -2.57
CA LEU B 139 -11.29 -12.45 -3.68
C LEU B 139 -11.51 -13.91 -3.34
N TYR B 140 -10.52 -14.55 -2.70
CA TYR B 140 -10.62 -15.99 -2.44
C TYR B 140 -11.74 -16.33 -1.48
N GLN B 141 -12.26 -15.36 -0.74
CA GLN B 141 -13.35 -15.62 0.19
C GLN B 141 -14.71 -15.72 -0.49
N ILE B 142 -14.85 -15.23 -1.73
CA ILE B 142 -16.12 -15.19 -2.41
C ILE B 142 -16.14 -16.01 -3.70
N LEU B 143 -15.05 -16.71 -4.00
CA LEU B 143 -15.02 -17.53 -5.21
C LEU B 143 -15.93 -18.74 -5.08
N THR B 144 -16.68 -19.02 -6.15
CA THR B 144 -17.49 -20.21 -6.22
C THR B 144 -16.66 -21.39 -6.73
N ASP B 145 -17.28 -22.58 -6.72
CA ASP B 145 -16.63 -23.76 -7.27
C ASP B 145 -16.23 -23.54 -8.72
N PHE B 146 -17.15 -22.99 -9.53
CA PHE B 146 -16.85 -22.73 -10.93
C PHE B 146 -15.78 -21.64 -11.06
N ASP B 147 -15.81 -20.63 -10.18
CA ASP B 147 -14.81 -19.57 -10.24
C ASP B 147 -13.41 -20.13 -10.11
N ILE B 148 -13.21 -21.06 -9.18
CA ILE B 148 -11.89 -21.63 -8.97
C ILE B 148 -11.44 -22.44 -10.19
N ARG B 149 -12.34 -23.26 -10.74
CA ARG B 149 -12.02 -23.99 -11.96
C ARG B 149 -11.71 -23.05 -13.10
N PHE B 150 -12.50 -21.98 -13.23
CA PHE B 150 -12.29 -21.02 -14.31
C PHE B 150 -10.93 -20.36 -14.20
N TYR B 151 -10.59 -19.81 -13.02
CA TYR B 151 -9.36 -19.06 -12.88
C TYR B 151 -8.14 -19.97 -12.89
N MET B 152 -8.25 -21.17 -12.30
CA MET B 152 -7.18 -22.15 -12.43
C MET B 152 -6.94 -22.50 -13.89
N TYR B 153 -8.02 -22.62 -14.68
CA TYR B 153 -7.87 -22.92 -16.09
C TYR B 153 -7.17 -21.77 -16.83
N GLU B 154 -7.56 -20.53 -16.53
CA GLU B 154 -6.93 -19.38 -17.16
C GLU B 154 -5.46 -19.26 -16.76
N LEU B 155 -5.14 -19.60 -15.51
CA LEU B 155 -3.75 -19.58 -15.07
C LEU B 155 -2.94 -20.67 -15.75
N LEU B 156 -3.56 -21.84 -16.00
CA LEU B 156 -2.87 -22.91 -16.70
C LEU B 156 -2.56 -22.53 -18.14
N LYS B 157 -3.45 -21.76 -18.78
CA LYS B 157 -3.15 -21.27 -20.13
C LYS B 157 -1.88 -20.43 -20.14
N ALA B 158 -1.74 -19.54 -19.16
CA ALA B 158 -0.53 -18.73 -19.06
C ALA B 158 0.70 -19.60 -18.83
N LEU B 159 0.58 -20.61 -17.98
CA LEU B 159 1.73 -21.44 -17.67
C LEU B 159 2.11 -22.34 -18.84
N ASP B 160 1.13 -22.96 -19.49
CA ASP B 160 1.43 -23.73 -20.69
C ASP B 160 2.03 -22.86 -21.78
N TYR B 161 1.59 -21.61 -21.88
CA TYR B 161 2.15 -20.73 -22.90
C TYR B 161 3.61 -20.43 -22.63
N CYS B 162 3.93 -19.95 -21.43
CA CYS B 162 5.32 -19.58 -21.14
C CYS B 162 6.22 -20.80 -21.12
N HIS B 163 5.71 -21.95 -20.63
CA HIS B 163 6.47 -23.18 -20.72
C HIS B 163 6.74 -23.56 -22.16
N SER B 164 5.74 -23.43 -23.04
CA SER B 164 5.94 -23.73 -24.45
C SER B 164 6.92 -22.77 -25.10
N LYS B 165 7.11 -21.58 -24.53
CA LYS B 165 8.13 -20.65 -24.98
C LYS B 165 9.44 -20.82 -24.23
N GLY B 166 9.61 -21.94 -23.51
CA GLY B 166 10.86 -22.25 -22.87
C GLY B 166 11.17 -21.42 -21.63
N ILE B 167 10.16 -21.01 -20.88
CA ILE B 167 10.34 -20.08 -19.76
C ILE B 167 9.63 -20.66 -18.53
N MET B 168 10.36 -20.70 -17.41
CA MET B 168 9.79 -21.01 -16.10
C MET B 168 9.50 -19.69 -15.39
N HIS B 169 8.30 -19.57 -14.82
CA HIS B 169 7.97 -18.35 -14.09
C HIS B 169 8.71 -18.29 -12.76
N ARG B 170 8.66 -19.37 -11.99
CA ARG B 170 9.42 -19.58 -10.75
C ARG B 170 8.96 -18.70 -9.60
N ASP B 171 7.80 -18.05 -9.70
CA ASP B 171 7.27 -17.27 -8.58
C ASP B 171 5.75 -17.24 -8.64
N VAL B 172 5.13 -18.36 -9.03
CA VAL B 172 3.68 -18.43 -9.10
C VAL B 172 3.11 -18.42 -7.69
N LYS B 173 2.24 -17.45 -7.42
CA LYS B 173 1.59 -17.28 -6.12
C LYS B 173 0.46 -16.28 -6.30
N PRO B 174 -0.49 -16.22 -5.34
CA PRO B 174 -1.63 -15.32 -5.51
C PRO B 174 -1.25 -13.86 -5.72
N HIS B 175 -0.18 -13.39 -5.06
CA HIS B 175 0.25 -12.01 -5.27
C HIS B 175 0.64 -11.73 -6.71
N ASN B 176 1.08 -12.76 -7.45
CA ASN B 176 1.53 -12.59 -8.82
C ASN B 176 0.48 -13.02 -9.84
N VAL B 177 -0.79 -13.11 -9.44
CA VAL B 177 -1.89 -13.45 -10.32
C VAL B 177 -2.92 -12.33 -10.18
N MET B 178 -2.98 -11.45 -11.17
CA MET B 178 -3.99 -10.39 -11.19
C MET B 178 -5.30 -10.95 -11.73
N ILE B 179 -6.40 -10.65 -11.06
CA ILE B 179 -7.71 -11.15 -11.45
C ILE B 179 -8.71 -9.99 -11.41
N ASP B 180 -9.29 -9.69 -12.57
CA ASP B 180 -10.43 -8.78 -12.65
C ASP B 180 -11.68 -9.65 -12.53
N HIS B 181 -12.23 -9.71 -11.31
CA HIS B 181 -13.34 -10.62 -11.07
C HIS B 181 -14.62 -10.18 -11.78
N GLN B 182 -14.75 -8.89 -12.08
CA GLN B 182 -15.93 -8.43 -12.81
C GLN B 182 -15.88 -8.86 -14.27
N GLN B 183 -14.74 -8.70 -14.93
CA GLN B 183 -14.61 -9.06 -16.33
C GLN B 183 -14.08 -10.47 -16.54
N LYS B 184 -13.86 -11.23 -15.46
CA LYS B 184 -13.34 -12.59 -15.55
C LYS B 184 -12.02 -12.63 -16.35
N LYS B 185 -11.11 -11.75 -15.98
CA LYS B 185 -9.84 -11.59 -16.66
C LYS B 185 -8.69 -11.89 -15.70
N LEU B 186 -7.68 -12.60 -16.20
CA LEU B 186 -6.55 -13.03 -15.38
C LEU B 186 -5.25 -12.70 -16.08
N ARG B 187 -4.27 -12.23 -15.31
CA ARG B 187 -2.94 -11.95 -15.83
C ARG B 187 -1.91 -12.47 -14.83
N LEU B 188 -0.96 -13.26 -15.33
CA LEU B 188 0.19 -13.69 -14.55
C LEU B 188 1.26 -12.62 -14.62
N ILE B 189 1.69 -12.11 -13.47
CA ILE B 189 2.59 -10.95 -13.44
C ILE B 189 3.90 -11.29 -12.74
N ASP B 190 4.76 -10.27 -12.59
CA ASP B 190 6.02 -10.34 -11.88
C ASP B 190 6.93 -11.43 -12.44
N TRP B 191 7.58 -11.14 -13.56
CA TRP B 191 8.46 -12.09 -14.23
C TRP B 191 9.93 -11.84 -13.90
N GLY B 192 10.20 -11.18 -12.77
CA GLY B 192 11.57 -10.86 -12.39
C GLY B 192 12.38 -12.05 -11.92
N LEU B 193 11.72 -13.14 -11.53
CA LEU B 193 12.41 -14.38 -11.16
C LEU B 193 12.34 -15.42 -12.27
N ALA B 194 11.66 -15.13 -13.36
CA ALA B 194 11.53 -16.09 -14.45
C ALA B 194 12.88 -16.36 -15.10
N GLU B 195 13.02 -17.55 -15.68
CA GLU B 195 14.27 -17.96 -16.30
C GLU B 195 13.97 -18.87 -17.48
N PHE B 196 14.91 -18.90 -18.44
CA PHE B 196 14.81 -19.80 -19.58
C PHE B 196 15.24 -21.20 -19.17
N TYR B 197 14.48 -22.20 -19.62
CA TYR B 197 14.82 -23.59 -19.34
C TYR B 197 15.77 -24.14 -20.41
N HIS B 198 16.88 -24.71 -19.94
CA HIS B 198 17.82 -25.41 -20.80
C HIS B 198 18.04 -26.80 -20.19
N PRO B 199 17.94 -27.86 -20.98
CA PRO B 199 18.11 -29.22 -20.43
C PRO B 199 19.48 -29.39 -19.77
N ALA B 200 19.47 -29.97 -18.57
CA ALA B 200 20.64 -30.31 -17.75
C ALA B 200 21.30 -29.09 -17.14
N GLN B 201 20.73 -27.89 -17.29
CA GLN B 201 21.23 -26.70 -16.63
C GLN B 201 20.85 -26.72 -15.16
N GLU B 202 21.77 -26.28 -14.30
CA GLU B 202 21.51 -26.13 -12.87
C GLU B 202 21.13 -24.70 -12.57
N TYR B 203 20.08 -24.52 -11.79
CA TYR B 203 19.52 -23.20 -11.50
C TYR B 203 19.63 -22.88 -10.01
N ASN B 204 19.52 -21.59 -9.70
CA ASN B 204 19.47 -21.15 -8.31
C ASN B 204 18.19 -21.67 -7.66
N VAL B 205 18.32 -22.24 -6.46
CA VAL B 205 17.15 -22.71 -5.73
C VAL B 205 16.57 -21.65 -4.82
N ARG B 206 17.21 -20.49 -4.70
CA ARG B 206 16.69 -19.39 -3.90
C ARG B 206 15.75 -18.53 -4.75
N VAL B 207 14.65 -19.16 -5.18
CA VAL B 207 13.61 -18.51 -5.97
C VAL B 207 12.27 -18.84 -5.33
N ALA B 208 11.22 -18.17 -5.84
CA ALA B 208 9.85 -18.34 -5.40
C ALA B 208 9.67 -17.92 -3.95
N SER B 209 8.42 -17.76 -3.52
CA SER B 209 8.13 -17.47 -2.13
C SER B 209 8.08 -18.76 -1.32
N ARG B 210 8.48 -18.66 -0.06
CA ARG B 210 8.62 -19.83 0.80
C ARG B 210 7.43 -20.76 0.73
N TYR B 211 6.21 -20.22 0.87
CA TYR B 211 5.02 -21.05 0.94
C TYR B 211 4.73 -21.79 -0.36
N PHE B 212 5.36 -21.36 -1.46
CA PHE B 212 5.08 -21.93 -2.78
C PHE B 212 6.31 -22.57 -3.40
N LYS B 213 7.40 -22.72 -2.65
CA LYS B 213 8.58 -23.41 -3.16
C LYS B 213 8.30 -24.91 -3.29
N GLY B 214 8.61 -25.47 -4.45
CA GLY B 214 8.56 -26.89 -4.66
C GLY B 214 9.58 -27.61 -3.78
N PRO B 215 9.34 -28.89 -3.52
CA PRO B 215 10.32 -29.67 -2.74
C PRO B 215 11.73 -29.62 -3.30
N GLU B 216 11.89 -29.54 -4.63
CA GLU B 216 13.23 -29.50 -5.21
C GLU B 216 14.01 -28.28 -4.75
N LEU B 217 13.33 -27.14 -4.58
CA LEU B 217 14.02 -25.96 -4.06
C LEU B 217 14.41 -26.14 -2.61
N LEU B 218 13.55 -26.77 -1.81
CA LEU B 218 13.82 -26.89 -0.38
C LEU B 218 14.91 -27.91 -0.08
N VAL B 219 15.10 -28.90 -0.97
CA VAL B 219 16.14 -29.90 -0.77
C VAL B 219 17.39 -29.61 -1.60
N ASP B 220 17.45 -28.43 -2.23
CA ASP B 220 18.61 -27.99 -2.99
C ASP B 220 18.89 -28.88 -4.19
N TYR B 221 17.84 -29.22 -4.94
CA TYR B 221 17.98 -29.92 -6.21
C TYR B 221 17.91 -28.90 -7.34
N GLN B 222 19.03 -28.65 -7.99
CA GLN B 222 19.15 -27.53 -8.91
C GLN B 222 18.71 -27.85 -10.33
N MET B 223 18.56 -29.12 -10.70
CA MET B 223 18.23 -29.46 -12.08
C MET B 223 16.73 -29.57 -12.29
N TYR B 224 15.99 -28.54 -11.87
CA TYR B 224 14.54 -28.54 -12.00
C TYR B 224 14.13 -27.93 -13.34
N ASP B 225 12.82 -27.80 -13.56
CA ASP B 225 12.31 -27.37 -14.86
C ASP B 225 10.93 -26.74 -14.67
N TYR B 226 10.13 -26.72 -15.73
CA TYR B 226 8.82 -26.07 -15.69
C TYR B 226 7.92 -26.64 -14.60
N SER B 227 8.12 -27.91 -14.23
CA SER B 227 7.26 -28.55 -13.25
C SER B 227 7.30 -27.85 -11.89
N LEU B 228 8.32 -27.02 -11.65
CA LEU B 228 8.34 -26.18 -10.45
C LEU B 228 7.08 -25.33 -10.36
N ASP B 229 6.67 -24.72 -11.48
CA ASP B 229 5.46 -23.90 -11.48
C ASP B 229 4.22 -24.73 -11.19
N MET B 230 4.23 -26.02 -11.55
CA MET B 230 3.06 -26.85 -11.32
C MET B 230 2.87 -27.18 -9.85
N TRP B 231 3.96 -27.30 -9.09
CA TRP B 231 3.82 -27.40 -7.63
C TRP B 231 3.20 -26.14 -7.06
N SER B 232 3.74 -24.98 -7.43
CA SER B 232 3.20 -23.71 -6.96
C SER B 232 1.72 -23.58 -7.28
N LEU B 233 1.33 -24.00 -8.49
CA LEU B 233 -0.08 -23.97 -8.87
C LEU B 233 -0.90 -24.89 -7.99
N GLY B 234 -0.37 -26.08 -7.68
CA GLY B 234 -1.08 -26.98 -6.78
C GLY B 234 -1.27 -26.40 -5.40
N CYS B 235 -0.25 -25.68 -4.90
CA CYS B 235 -0.39 -24.99 -3.62
C CYS B 235 -1.54 -23.98 -3.67
N MET B 236 -1.69 -23.27 -4.79
CA MET B 236 -2.77 -22.30 -4.90
C MET B 236 -4.13 -22.99 -4.98
N LEU B 237 -4.23 -24.06 -5.76
CA LEU B 237 -5.48 -24.81 -5.84
C LEU B 237 -5.91 -25.31 -4.47
N ALA B 238 -4.95 -25.85 -3.70
CA ALA B 238 -5.28 -26.34 -2.37
C ALA B 238 -5.79 -25.23 -1.47
N SER B 239 -5.14 -24.07 -1.50
CA SER B 239 -5.56 -22.97 -0.64
C SER B 239 -6.93 -22.44 -1.04
N MET B 240 -7.28 -22.53 -2.32
CA MET B 240 -8.56 -22.01 -2.78
C MET B 240 -9.72 -22.95 -2.45
N ILE B 241 -9.56 -24.24 -2.74
CA ILE B 241 -10.67 -25.17 -2.52
C ILE B 241 -10.82 -25.51 -1.02
N PHE B 242 -9.74 -25.42 -0.26
CA PHE B 242 -9.79 -25.73 1.17
C PHE B 242 -9.92 -24.50 2.05
N ARG B 243 -9.89 -23.30 1.47
CA ARG B 243 -9.95 -22.05 2.22
C ARG B 243 -8.89 -22.02 3.32
N ARG B 244 -7.64 -22.24 2.92
CA ARG B 244 -6.51 -22.27 3.84
C ARG B 244 -5.31 -21.64 3.12
N GLU B 245 -5.16 -20.33 3.28
CA GLU B 245 -4.16 -19.59 2.53
C GLU B 245 -3.13 -18.96 3.46
N PRO B 246 -1.84 -19.33 3.27
CA PRO B 246 -1.38 -20.34 2.32
C PRO B 246 -1.55 -21.75 2.87
N PHE B 247 -1.51 -22.76 2.00
CA PHE B 247 -1.79 -24.12 2.43
C PHE B 247 -0.64 -24.69 3.27
N PHE B 248 0.60 -24.56 2.78
CA PHE B 248 1.77 -24.97 3.54
C PHE B 248 2.40 -23.72 4.13
N HIS B 249 2.17 -23.52 5.43
CA HIS B 249 2.49 -22.26 6.12
C HIS B 249 3.74 -22.44 6.97
N GLY B 250 4.88 -22.59 6.30
CA GLY B 250 6.12 -22.82 7.01
C GLY B 250 6.66 -21.57 7.66
N GLN B 251 7.46 -21.76 8.71
CA GLN B 251 8.08 -20.66 9.43
C GLN B 251 9.42 -20.26 8.84
N ASP B 252 10.11 -21.17 8.15
CA ASP B 252 11.31 -20.89 7.39
C ASP B 252 11.45 -21.97 6.32
N ASN B 253 12.58 -21.97 5.61
CA ASN B 253 12.74 -22.91 4.52
C ASN B 253 12.80 -24.36 5.03
N TYR B 254 13.41 -24.57 6.20
CA TYR B 254 13.42 -25.91 6.79
C TYR B 254 12.03 -26.33 7.21
N ASP B 255 11.34 -25.48 7.97
CA ASP B 255 9.99 -25.82 8.45
C ASP B 255 9.01 -25.97 7.29
N GLN B 256 9.27 -25.30 6.17
CA GLN B 256 8.39 -25.41 5.01
C GLN B 256 8.34 -26.84 4.48
N LEU B 257 9.50 -27.51 4.41
CA LEU B 257 9.50 -28.90 3.97
C LEU B 257 8.83 -29.81 5.00
N VAL B 258 8.98 -29.47 6.28
CA VAL B 258 8.29 -30.22 7.34
C VAL B 258 6.79 -30.12 7.15
N ARG B 259 6.28 -28.91 6.86
CA ARG B 259 4.85 -28.72 6.68
C ARG B 259 4.34 -29.52 5.49
N ILE B 260 5.15 -29.63 4.42
CA ILE B 260 4.79 -30.48 3.29
C ILE B 260 4.81 -31.95 3.69
N ALA B 261 5.85 -32.36 4.42
CA ALA B 261 5.99 -33.77 4.79
C ALA B 261 4.87 -34.22 5.71
N LYS B 262 4.27 -33.31 6.48
CA LYS B 262 3.16 -33.68 7.34
C LYS B 262 1.89 -33.98 6.55
N VAL B 263 1.83 -33.60 5.28
CA VAL B 263 0.68 -33.88 4.42
C VAL B 263 0.98 -34.98 3.41
N LEU B 264 2.10 -34.85 2.69
CA LEU B 264 2.47 -35.85 1.69
C LEU B 264 3.17 -37.07 2.27
N GLY B 265 3.54 -37.04 3.54
CA GLY B 265 4.26 -38.14 4.14
C GLY B 265 5.75 -38.12 3.83
N THR B 266 6.51 -38.84 4.65
CA THR B 266 7.96 -38.85 4.52
C THR B 266 8.48 -39.98 3.63
N GLU B 267 7.72 -41.06 3.46
CA GLU B 267 8.19 -42.18 2.67
C GLU B 267 8.48 -41.77 1.22
N GLU B 268 7.54 -41.05 0.60
CA GLU B 268 7.75 -40.59 -0.76
C GLU B 268 8.78 -39.47 -0.84
N LEU B 269 8.99 -38.73 0.26
CA LEU B 269 10.05 -37.73 0.27
C LEU B 269 11.42 -38.40 0.17
N TYR B 270 11.68 -39.39 1.02
CA TYR B 270 12.94 -40.10 0.96
C TYR B 270 13.07 -40.92 -0.32
N GLY B 271 11.95 -41.40 -0.85
CA GLY B 271 11.98 -42.03 -2.17
C GLY B 271 12.36 -41.06 -3.26
N TYR B 272 11.86 -39.82 -3.17
CA TYR B 272 12.25 -38.78 -4.11
C TYR B 272 13.75 -38.50 -4.00
N LEU B 273 14.26 -38.35 -2.77
CA LEU B 273 15.68 -38.06 -2.57
C LEU B 273 16.56 -39.17 -3.11
N LYS B 274 16.16 -40.43 -2.91
CA LYS B 274 16.96 -41.55 -3.39
C LYS B 274 16.95 -41.62 -4.92
N LYS B 275 15.81 -41.35 -5.54
CA LYS B 275 15.69 -41.47 -6.99
C LYS B 275 16.64 -40.54 -7.71
N TYR B 276 16.79 -39.31 -7.21
CA TYR B 276 17.61 -38.29 -7.87
C TYR B 276 18.95 -38.08 -7.18
N HIS B 277 19.34 -38.97 -6.27
CA HIS B 277 20.63 -38.89 -5.59
C HIS B 277 20.83 -37.53 -4.92
N ILE B 278 19.78 -37.04 -4.28
CA ILE B 278 19.81 -35.73 -3.64
C ILE B 278 20.45 -35.85 -2.26
N ASP B 279 21.44 -35.02 -2.00
CA ASP B 279 22.09 -34.96 -0.69
C ASP B 279 21.24 -34.07 0.21
N LEU B 280 20.60 -34.67 1.20
CA LEU B 280 19.70 -33.95 2.09
C LEU B 280 20.50 -33.22 3.16
N ASP B 281 20.19 -31.95 3.36
CA ASP B 281 20.77 -31.18 4.45
C ASP B 281 20.62 -31.95 5.76
N PRO B 282 21.72 -32.21 6.47
CA PRO B 282 21.63 -33.07 7.67
C PRO B 282 20.75 -32.49 8.77
N HIS B 283 20.44 -31.20 8.73
CA HIS B 283 19.54 -30.63 9.73
C HIS B 283 18.14 -31.19 9.61
N PHE B 284 17.72 -31.59 8.40
CA PHE B 284 16.36 -32.10 8.22
C PHE B 284 16.11 -33.36 9.03
N ASN B 285 17.16 -34.16 9.27
CA ASN B 285 16.98 -35.42 9.97
C ASN B 285 16.56 -35.23 11.43
N ASP B 286 16.81 -34.05 12.00
CA ASP B 286 16.40 -33.75 13.36
C ASP B 286 15.00 -33.14 13.45
N ILE B 287 14.42 -32.74 12.32
CA ILE B 287 13.11 -32.08 12.34
C ILE B 287 12.08 -32.76 11.43
N LEU B 288 12.49 -33.62 10.50
CA LEU B 288 11.54 -34.21 9.56
C LEU B 288 10.66 -35.24 10.22
N GLY B 289 11.24 -36.09 11.07
CA GLY B 289 10.47 -37.14 11.71
C GLY B 289 9.95 -38.14 10.69
N GLN B 290 8.84 -38.78 11.04
CA GLN B 290 8.18 -39.74 10.16
C GLN B 290 6.69 -39.42 10.12
N HIS B 291 6.15 -39.28 8.91
CA HIS B 291 4.76 -38.87 8.74
C HIS B 291 4.09 -39.71 7.66
N SER B 292 2.81 -40.02 7.89
CA SER B 292 2.00 -40.70 6.90
C SER B 292 1.55 -39.72 5.81
N ARG B 293 1.20 -40.28 4.66
CA ARG B 293 0.59 -39.50 3.60
C ARG B 293 -0.89 -39.32 3.91
N LYS B 294 -1.30 -38.09 4.16
CA LYS B 294 -2.66 -37.83 4.61
C LYS B 294 -3.63 -37.90 3.43
N ARG B 295 -4.87 -38.28 3.75
CA ARG B 295 -5.93 -38.27 2.75
C ARG B 295 -6.39 -36.84 2.53
N TRP B 296 -6.54 -36.44 1.27
CA TRP B 296 -6.93 -35.08 0.95
C TRP B 296 -8.30 -34.74 1.53
N GLU B 297 -9.15 -35.73 1.77
CA GLU B 297 -10.47 -35.48 2.35
C GLU B 297 -10.38 -34.95 3.78
N ASN B 298 -9.27 -35.18 4.48
CA ASN B 298 -9.14 -34.75 5.86
C ASN B 298 -9.13 -33.23 6.01
N PHE B 299 -8.94 -32.50 4.91
CA PHE B 299 -8.95 -31.04 4.93
C PHE B 299 -10.32 -30.47 4.58
N ILE B 300 -11.31 -31.31 4.32
CA ILE B 300 -12.66 -30.84 4.05
C ILE B 300 -13.34 -30.49 5.36
N HIS B 301 -14.01 -29.33 5.40
CA HIS B 301 -14.90 -28.98 6.48
C HIS B 301 -16.10 -28.25 5.89
N SER B 302 -17.02 -27.83 6.77
CA SER B 302 -18.29 -27.27 6.32
C SER B 302 -18.12 -25.96 5.55
N GLU B 303 -17.04 -25.22 5.78
CA GLU B 303 -16.87 -23.93 5.12
C GLU B 303 -16.31 -24.04 3.71
N ASN B 304 -15.67 -25.17 3.37
CA ASN B 304 -15.07 -25.35 2.06
C ASN B 304 -15.65 -26.53 1.29
N ARG B 305 -16.63 -27.25 1.84
CA ARG B 305 -17.12 -28.48 1.22
C ARG B 305 -17.71 -28.21 -0.16
N HIS B 306 -18.40 -27.08 -0.33
CA HIS B 306 -18.99 -26.74 -1.61
C HIS B 306 -17.95 -26.45 -2.69
N LEU B 307 -16.68 -26.27 -2.32
CA LEU B 307 -15.62 -26.04 -3.29
C LEU B 307 -14.82 -27.30 -3.60
N VAL B 308 -15.04 -28.38 -2.85
CA VAL B 308 -14.29 -29.62 -3.02
C VAL B 308 -15.15 -30.62 -3.76
N SER B 309 -14.53 -31.36 -4.66
CA SER B 309 -15.16 -32.42 -5.43
C SER B 309 -14.13 -33.53 -5.64
N PRO B 310 -14.58 -34.74 -6.00
CA PRO B 310 -13.60 -35.79 -6.35
C PRO B 310 -12.64 -35.37 -7.44
N GLU B 311 -13.13 -34.65 -8.45
CA GLU B 311 -12.25 -34.16 -9.51
C GLU B 311 -11.21 -33.18 -8.97
N ALA B 312 -11.61 -32.33 -8.02
CA ALA B 312 -10.66 -31.37 -7.45
C ALA B 312 -9.56 -32.07 -6.67
N LEU B 313 -9.91 -33.10 -5.91
CA LEU B 313 -8.91 -33.82 -5.13
C LEU B 313 -7.97 -34.62 -6.04
N ASP B 314 -8.51 -35.21 -7.10
CA ASP B 314 -7.68 -35.97 -8.03
C ASP B 314 -6.65 -35.08 -8.72
N LEU B 315 -7.10 -33.91 -9.19
CA LEU B 315 -6.16 -32.96 -9.79
C LEU B 315 -5.10 -32.51 -8.79
N LEU B 316 -5.54 -32.10 -7.60
CA LEU B 316 -4.61 -31.68 -6.55
C LEU B 316 -3.61 -32.79 -6.24
N ASP B 317 -4.09 -34.02 -6.11
CA ASP B 317 -3.20 -35.14 -5.80
C ASP B 317 -2.15 -35.35 -6.87
N LYS B 318 -2.46 -35.01 -8.12
CA LYS B 318 -1.53 -35.20 -9.22
C LYS B 318 -0.65 -34.00 -9.48
N LEU B 319 -0.91 -32.87 -8.81
CA LEU B 319 -0.02 -31.71 -8.86
C LEU B 319 0.98 -31.73 -7.71
N LEU B 320 0.52 -32.04 -6.49
CA LEU B 320 1.37 -31.98 -5.31
C LEU B 320 2.07 -33.33 -5.13
N ARG B 321 3.09 -33.54 -5.95
CA ARG B 321 3.95 -34.71 -5.85
C ARG B 321 5.38 -34.24 -5.61
N TYR B 322 6.09 -34.94 -4.72
CA TYR B 322 7.52 -34.67 -4.54
C TYR B 322 8.25 -34.77 -5.87
N ASP B 323 8.09 -35.90 -6.56
CA ASP B 323 8.77 -36.15 -7.81
C ASP B 323 8.29 -35.17 -8.87
N HIS B 324 9.13 -34.19 -9.20
CA HIS B 324 8.75 -33.16 -10.17
C HIS B 324 8.40 -33.77 -11.53
N GLN B 325 8.99 -34.91 -11.87
CA GLN B 325 8.68 -35.56 -13.13
C GLN B 325 7.29 -36.20 -13.14
N GLN B 326 6.76 -36.55 -11.96
CA GLN B 326 5.46 -37.19 -11.88
C GLN B 326 4.31 -36.20 -11.86
N ARG B 327 4.58 -34.92 -11.62
CA ARG B 327 3.53 -33.91 -11.62
C ARG B 327 2.93 -33.76 -13.02
N LEU B 328 1.66 -33.41 -13.06
CA LEU B 328 1.02 -33.10 -14.34
C LEU B 328 1.69 -31.89 -14.97
N THR B 329 1.85 -31.93 -16.29
CA THR B 329 2.20 -30.72 -17.02
C THR B 329 1.01 -29.78 -17.05
N ALA B 330 1.27 -28.54 -17.47
CA ALA B 330 0.18 -27.57 -17.58
C ALA B 330 -0.89 -28.05 -18.56
N LYS B 331 -0.47 -28.61 -19.70
CA LYS B 331 -1.44 -29.08 -20.69
C LYS B 331 -2.17 -30.33 -20.20
N GLU B 332 -1.47 -31.22 -19.52
CA GLU B 332 -2.13 -32.37 -18.91
C GLU B 332 -3.15 -31.93 -17.87
N ALA B 333 -2.79 -30.94 -17.04
CA ALA B 333 -3.72 -30.43 -16.04
C ALA B 333 -4.95 -29.81 -16.68
N MET B 334 -4.78 -29.13 -17.83
CA MET B 334 -5.92 -28.51 -18.51
C MET B 334 -6.91 -29.55 -19.00
N GLU B 335 -6.43 -30.74 -19.36
CA GLU B 335 -7.30 -31.81 -19.86
C GLU B 335 -7.96 -32.60 -18.74
N HIS B 336 -7.74 -32.22 -17.48
CA HIS B 336 -8.29 -32.96 -16.36
C HIS B 336 -9.81 -32.76 -16.27
N PRO B 337 -10.54 -33.79 -15.82
CA PRO B 337 -12.00 -33.65 -15.69
C PRO B 337 -12.44 -32.50 -14.79
N TYR B 338 -11.58 -32.03 -13.88
CA TYR B 338 -11.93 -30.90 -13.02
C TYR B 338 -12.30 -29.66 -13.85
N PHE B 339 -11.75 -29.53 -15.05
CA PHE B 339 -12.00 -28.38 -15.92
C PHE B 339 -13.04 -28.67 -17.00
N TYR B 340 -13.69 -29.83 -16.97
CA TYR B 340 -14.74 -30.10 -17.95
C TYR B 340 -15.85 -29.03 -17.93
N PRO B 341 -16.36 -28.56 -16.79
CA PRO B 341 -17.37 -27.49 -16.84
C PRO B 341 -16.86 -26.22 -17.49
N VAL B 342 -15.58 -25.89 -17.31
CA VAL B 342 -15.02 -24.69 -17.94
C VAL B 342 -14.88 -24.90 -19.44
N VAL B 343 -14.39 -26.07 -19.86
CA VAL B 343 -14.24 -26.36 -21.27
C VAL B 343 -15.60 -26.35 -21.97
N LYS B 344 -16.63 -26.88 -21.30
CA LYS B 344 -17.96 -26.95 -21.92
C LYS B 344 -18.52 -25.55 -22.17
N GLU B 345 -18.25 -24.60 -21.27
CA GLU B 345 -18.69 -23.22 -21.46
C GLU B 345 -17.83 -22.50 -22.49
N GLN B 346 -17.14 -23.26 -23.33
CA GLN B 346 -16.22 -22.73 -24.34
C GLN B 346 -15.13 -21.88 -23.69
N SER B 347 -14.37 -22.54 -22.82
CA SER B 347 -13.24 -21.93 -22.12
C SER B 347 -13.65 -20.70 -21.32
#